data_1WU7
#
_entry.id   1WU7
#
_cell.length_a   60.696
_cell.length_b   101.734
_cell.length_c   167.230
_cell.angle_alpha   90.00
_cell.angle_beta   90.00
_cell.angle_gamma   90.00
#
_symmetry.space_group_name_H-M   'P 21 21 21'
#
loop_
_entity.id
_entity.type
_entity.pdbx_description
1 polymer 'Histidyl-tRNA synthetase'
2 water water
#
_entity_poly.entity_id   1
_entity_poly.type   'polypeptide(L)'
_entity_poly.pdbx_seq_one_letter_code
;(MSE)YRLQIEKIRGFRDFYPED(MSE)DVEKFIFKTAEEAAEAFGFRRIDFPSLEYLDLYRIKSGEELLQQTYSFVDKG
GREVTLIPEATPSTVR(MSE)VTSRKDLQRPLRWYSFPKVWRYEEPQAGRYREHYQFNADIFGSDSPEADAEVIALASSI
LDRLGLQDIYEIRINSRKI(MSE)EEIIGG(MSE)TSSDPFSVFSIIDRYHKISREEFVDQLRSAGIGEDGVS(MSE)IA
DLCSGTRGIDE(MSE)ARITGKSSEEIAR(MSE)AAVEDLLASYGVKNVRYDFSIVRGLSYYTGIVFEAYDRSGQFRAIL
GGGRYDNLASL(MSE)SGESVPAVGFG(MSE)GDAVISLLLKRENVQIPREKKSVYICRVGKINSSI(MSE)NEYSRKLR
ERG(MSE)NVTVEI(MSE)ERGLSAQLKYASAIGADFAVIFGERDLERGVVTIRN(MSE)YTGSQENVGLDSVVEHLISQ
ATLEHHHHHH
;
_entity_poly.pdbx_strand_id   A,B
#
# COMPACT_ATOMS: atom_id res chain seq x y z
N ARG A 3 15.44 11.91 28.46
CA ARG A 3 16.29 11.15 27.49
C ARG A 3 16.23 11.80 26.10
N LEU A 4 17.24 11.50 25.28
CA LEU A 4 17.33 12.05 23.93
C LEU A 4 16.92 10.98 22.92
N GLN A 5 16.60 11.41 21.70
CA GLN A 5 16.19 10.49 20.65
C GLN A 5 16.91 10.67 19.34
N ILE A 6 17.06 9.58 18.60
CA ILE A 6 17.67 9.65 17.29
C ILE A 6 16.51 9.96 16.35
N GLU A 7 16.56 11.13 15.73
CA GLU A 7 15.50 11.56 14.82
C GLU A 7 15.60 10.85 13.47
N LYS A 8 14.52 10.91 12.70
CA LYS A 8 14.55 10.29 11.39
C LYS A 8 15.43 11.15 10.48
N ILE A 9 15.91 10.55 9.41
CA ILE A 9 16.76 11.25 8.45
C ILE A 9 16.03 12.46 7.86
N ARG A 10 16.74 13.57 7.71
CA ARG A 10 16.16 14.77 7.15
C ARG A 10 15.71 14.44 5.73
N GLY A 11 14.55 14.95 5.32
CA GLY A 11 14.06 14.65 4.00
C GLY A 11 12.99 13.56 3.98
N PHE A 12 12.90 12.78 5.06
CA PHE A 12 11.91 11.71 5.15
C PHE A 12 10.72 12.14 6.03
N ARG A 13 9.59 11.50 5.82
CA ARG A 13 8.37 11.82 6.54
C ARG A 13 7.80 10.71 7.42
N ASP A 14 7.06 11.11 8.44
CA ASP A 14 6.36 10.17 9.28
C ASP A 14 4.92 10.41 8.85
N PHE A 15 4.08 9.38 8.91
CA PHE A 15 2.69 9.54 8.55
C PHE A 15 1.82 9.09 9.72
N TYR A 16 1.27 10.07 10.44
CA TYR A 16 0.40 9.77 11.58
C TYR A 16 -0.97 9.44 11.02
N PRO A 17 -1.86 8.88 11.87
CA PRO A 17 -3.20 8.53 11.39
C PRO A 17 -3.84 9.58 10.50
N GLU A 18 -3.85 10.83 10.94
CA GLU A 18 -4.44 11.91 10.15
C GLU A 18 -3.73 12.03 8.81
N ASP A 19 -2.41 11.87 8.80
CA ASP A 19 -1.67 11.95 7.56
C ASP A 19 -2.07 10.82 6.64
N ASP A 21 -4.77 9.24 6.53
CA ASP A 21 -6.14 9.33 6.03
C ASP A 21 -6.12 9.93 4.63
N VAL A 22 -5.20 10.88 4.43
CA VAL A 22 -5.06 11.54 3.13
C VAL A 22 -4.40 10.64 2.10
N GLU A 23 -3.30 10.00 2.52
CA GLU A 23 -2.55 9.09 1.65
C GLU A 23 -3.41 7.92 1.19
N LYS A 24 -4.17 7.35 2.13
CA LYS A 24 -5.05 6.22 1.81
C LYS A 24 -6.06 6.59 0.72
N PHE A 25 -6.62 7.79 0.83
CA PHE A 25 -7.60 8.26 -0.16
C PHE A 25 -6.92 8.37 -1.53
N ILE A 26 -5.68 8.84 -1.55
CA ILE A 26 -4.93 8.96 -2.80
C ILE A 26 -4.68 7.57 -3.40
N PHE A 27 -4.23 6.63 -2.57
CA PHE A 27 -3.96 5.27 -3.03
C PHE A 27 -5.23 4.65 -3.58
N LYS A 28 -6.27 4.65 -2.74
CA LYS A 28 -7.57 4.07 -3.09
C LYS A 28 -8.14 4.65 -4.38
N THR A 29 -8.15 5.97 -4.49
CA THR A 29 -8.67 6.64 -5.66
C THR A 29 -7.88 6.27 -6.91
N ALA A 30 -6.55 6.30 -6.81
CA ALA A 30 -5.69 5.98 -7.94
C ALA A 30 -5.86 4.53 -8.38
N GLU A 31 -5.84 3.62 -7.42
CA GLU A 31 -6.00 2.20 -7.70
C GLU A 31 -7.34 1.80 -8.32
N GLU A 32 -8.43 2.28 -7.75
CA GLU A 32 -9.75 1.92 -8.28
C GLU A 32 -9.95 2.48 -9.68
N ALA A 33 -9.48 3.71 -9.92
CA ALA A 33 -9.59 4.31 -11.25
C ALA A 33 -8.77 3.51 -12.25
N ALA A 34 -7.53 3.19 -11.87
CA ALA A 34 -6.65 2.42 -12.74
C ALA A 34 -7.31 1.09 -13.09
N GLU A 35 -7.75 0.37 -12.07
CA GLU A 35 -8.40 -0.93 -12.28
C GLU A 35 -9.70 -0.83 -13.08
N ALA A 36 -10.40 0.29 -12.98
CA ALA A 36 -11.65 0.47 -13.70
C ALA A 36 -11.38 0.56 -15.20
N PHE A 37 -10.16 0.97 -15.56
CA PHE A 37 -9.74 1.10 -16.94
C PHE A 37 -9.07 -0.18 -17.39
N GLY A 38 -9.10 -1.19 -16.53
CA GLY A 38 -8.51 -2.47 -16.86
C GLY A 38 -7.04 -2.62 -16.49
N PHE A 39 -6.44 -1.60 -15.87
CA PHE A 39 -5.04 -1.73 -15.50
C PHE A 39 -4.91 -2.71 -14.33
N ARG A 40 -3.77 -3.38 -14.24
CA ARG A 40 -3.57 -4.34 -13.16
C ARG A 40 -2.33 -4.01 -12.33
N ARG A 41 -2.46 -4.13 -11.02
CA ARG A 41 -1.37 -3.82 -10.12
C ARG A 41 -0.20 -4.78 -10.17
N ILE A 42 1.00 -4.22 -10.07
CA ILE A 42 2.22 -5.01 -10.03
C ILE A 42 3.13 -4.34 -9.01
N ASP A 43 4.17 -5.05 -8.61
CA ASP A 43 5.13 -4.49 -7.68
C ASP A 43 6.46 -5.09 -8.05
N PHE A 44 7.54 -4.55 -7.52
CA PHE A 44 8.88 -4.99 -7.83
C PHE A 44 9.81 -4.62 -6.68
N PRO A 45 11.05 -5.11 -6.69
CA PRO A 45 12.00 -4.80 -5.60
C PRO A 45 12.23 -3.31 -5.37
N SER A 46 12.53 -2.94 -4.13
CA SER A 46 12.81 -1.54 -3.81
C SER A 46 14.30 -1.28 -4.04
N LEU A 47 15.04 -2.37 -4.25
CA LEU A 47 16.47 -2.29 -4.48
C LEU A 47 16.79 -2.94 -5.82
N GLU A 48 17.58 -2.27 -6.65
CA GLU A 48 17.95 -2.81 -7.97
C GLU A 48 19.42 -2.47 -8.25
N TYR A 49 20.03 -3.19 -9.18
CA TYR A 49 21.41 -2.90 -9.55
C TYR A 49 21.39 -1.53 -10.22
N LEU A 50 22.32 -0.67 -9.85
CA LEU A 50 22.40 0.66 -10.42
C LEU A 50 22.55 0.61 -11.94
N ASP A 51 23.11 -0.48 -12.46
CA ASP A 51 23.30 -0.62 -13.90
C ASP A 51 21.98 -0.54 -14.66
N LEU A 52 20.89 -0.87 -13.97
CA LEU A 52 19.56 -0.87 -14.59
C LEU A 52 19.14 0.51 -15.06
N TYR A 53 19.65 1.54 -14.40
CA TYR A 53 19.29 2.91 -14.74
C TYR A 53 20.23 3.61 -15.71
N ARG A 54 21.39 3.02 -15.98
CA ARG A 54 22.34 3.67 -16.87
C ARG A 54 21.89 3.82 -18.31
N ILE A 55 21.01 2.94 -18.78
CA ILE A 55 20.51 3.05 -20.13
C ILE A 55 19.75 4.36 -20.35
N LYS A 56 18.79 4.67 -19.50
CA LYS A 56 17.99 5.89 -19.68
C LYS A 56 18.47 7.18 -19.00
N SER A 57 19.48 7.10 -18.14
CA SER A 57 19.97 8.30 -17.48
C SER A 57 21.49 8.31 -17.38
N GLY A 58 22.07 9.51 -17.40
CA GLY A 58 23.52 9.65 -17.32
C GLY A 58 24.05 9.68 -15.90
N GLU A 59 25.38 9.56 -15.79
CA GLU A 59 26.04 9.56 -14.49
C GLU A 59 25.69 10.80 -13.66
N GLU A 60 25.39 11.89 -14.35
CA GLU A 60 25.04 13.13 -13.68
C GLU A 60 23.74 13.01 -12.87
N LEU A 61 22.70 12.49 -13.49
CA LEU A 61 21.41 12.32 -12.83
C LEU A 61 21.46 11.16 -11.83
N LEU A 62 22.29 10.15 -12.13
CA LEU A 62 22.41 8.98 -11.28
C LEU A 62 23.16 9.24 -9.97
N GLN A 63 23.58 10.48 -9.74
CA GLN A 63 24.28 10.83 -8.51
C GLN A 63 23.29 11.16 -7.39
N GLN A 64 22.04 11.39 -7.76
CA GLN A 64 21.01 11.71 -6.79
C GLN A 64 20.22 10.47 -6.37
N THR A 65 20.89 9.32 -6.42
CA THR A 65 20.26 8.06 -6.03
C THR A 65 20.86 7.57 -4.73
N TYR A 66 20.06 6.86 -3.93
CA TYR A 66 20.55 6.32 -2.69
C TYR A 66 21.28 5.04 -3.05
N SER A 67 22.49 5.18 -3.58
CA SER A 67 23.27 4.03 -4.01
C SER A 67 24.39 3.62 -3.07
N PHE A 68 24.88 2.40 -3.26
CA PHE A 68 25.97 1.87 -2.46
C PHE A 68 26.55 0.59 -3.07
N VAL A 69 27.76 0.23 -2.64
CA VAL A 69 28.45 -0.95 -3.15
C VAL A 69 28.05 -2.23 -2.44
N ASP A 70 27.75 -3.24 -3.25
CA ASP A 70 27.32 -4.56 -2.80
C ASP A 70 28.50 -5.52 -2.65
N LYS A 71 28.30 -6.57 -1.84
CA LYS A 71 29.31 -7.60 -1.57
C LYS A 71 30.32 -7.82 -2.70
N GLY A 72 29.82 -8.27 -3.86
CA GLY A 72 30.69 -8.53 -4.99
C GLY A 72 31.15 -7.28 -5.71
N GLY A 73 31.18 -6.17 -5.00
CA GLY A 73 31.60 -4.91 -5.61
C GLY A 73 30.63 -4.42 -6.68
N ARG A 74 29.38 -4.83 -6.57
CA ARG A 74 28.34 -4.44 -7.52
C ARG A 74 27.52 -3.28 -6.94
N GLU A 75 27.34 -2.22 -7.73
CA GLU A 75 26.56 -1.08 -7.27
C GLU A 75 25.05 -1.36 -7.29
N VAL A 76 24.38 -1.09 -6.18
CA VAL A 76 22.94 -1.27 -6.07
C VAL A 76 22.36 0.05 -5.58
N THR A 77 21.06 0.25 -5.74
CA THR A 77 20.46 1.50 -5.29
C THR A 77 19.00 1.34 -4.88
N LEU A 78 18.51 2.26 -4.05
CA LEU A 78 17.11 2.23 -3.69
C LEU A 78 16.55 2.78 -4.98
N ILE A 79 15.45 2.21 -5.48
CA ILE A 79 14.93 2.69 -6.74
C ILE A 79 14.54 4.17 -6.73
N PRO A 80 14.99 4.92 -7.75
CA PRO A 80 14.68 6.35 -7.83
C PRO A 80 13.40 6.58 -8.66
N GLU A 81 12.91 5.54 -9.30
CA GLU A 81 11.71 5.60 -10.13
C GLU A 81 11.25 4.18 -10.42
N ALA A 82 10.07 4.03 -11.01
CA ALA A 82 9.52 2.71 -11.29
C ALA A 82 9.71 2.09 -12.66
N THR A 83 9.72 2.92 -13.70
CA THR A 83 9.80 2.42 -15.07
C THR A 83 10.84 1.40 -15.46
N PRO A 84 12.13 1.63 -15.10
CA PRO A 84 13.13 0.62 -15.49
C PRO A 84 12.79 -0.76 -14.92
N SER A 85 12.29 -0.80 -13.69
CA SER A 85 11.91 -2.06 -13.04
C SER A 85 10.74 -2.70 -13.79
N THR A 86 9.76 -1.86 -14.12
CA THR A 86 8.56 -2.29 -14.82
C THR A 86 8.96 -2.83 -16.19
N VAL A 87 9.79 -2.08 -16.90
CA VAL A 87 10.25 -2.50 -18.22
C VAL A 87 11.00 -3.83 -18.12
N ARG A 88 11.84 -3.97 -17.09
CA ARG A 88 12.59 -5.22 -16.90
C ARG A 88 11.64 -6.41 -16.72
N VAL A 90 8.52 -6.54 -18.00
CA VAL A 90 7.85 -6.72 -19.27
C VAL A 90 8.72 -7.59 -20.17
N THR A 91 10.02 -7.32 -20.17
CA THR A 91 10.95 -8.06 -21.02
C THR A 91 11.63 -9.27 -20.39
N SER A 92 11.17 -9.70 -19.22
CA SER A 92 11.75 -10.87 -18.55
C SER A 92 10.85 -12.11 -18.60
N ARG A 93 9.60 -11.91 -19.01
CA ARG A 93 8.66 -13.01 -19.10
C ARG A 93 8.01 -12.92 -20.48
N LYS A 94 8.23 -13.93 -21.31
CA LYS A 94 7.71 -13.91 -22.67
C LYS A 94 6.35 -14.56 -22.96
N ASP A 95 5.64 -14.97 -21.93
CA ASP A 95 4.34 -15.57 -22.15
C ASP A 95 3.25 -14.49 -22.06
N LEU A 96 3.66 -13.29 -21.69
CA LEU A 96 2.76 -12.15 -21.53
C LEU A 96 1.96 -11.74 -22.76
N GLN A 97 0.65 -11.66 -22.59
CA GLN A 97 -0.24 -11.26 -23.67
C GLN A 97 0.06 -9.81 -24.03
N ARG A 98 -0.73 -9.25 -24.93
CA ARG A 98 -0.53 -7.88 -25.33
C ARG A 98 -1.88 -7.30 -25.74
N PRO A 99 -2.15 -6.04 -25.37
CA PRO A 99 -1.28 -5.13 -24.64
C PRO A 99 -1.28 -5.39 -23.15
N LEU A 100 -0.35 -4.74 -22.44
CA LEU A 100 -0.24 -4.90 -20.99
C LEU A 100 -0.60 -3.57 -20.34
N ARG A 101 -1.60 -3.60 -19.46
CA ARG A 101 -2.00 -2.41 -18.73
C ARG A 101 -1.55 -2.67 -17.30
N TRP A 102 -0.46 -2.02 -16.90
CA TRP A 102 0.09 -2.22 -15.58
C TRP A 102 0.25 -0.91 -14.83
N TYR A 103 -0.04 -0.95 -13.53
CA TYR A 103 0.14 0.23 -12.69
C TYR A 103 0.82 -0.19 -11.39
N SER A 104 1.59 0.72 -10.81
CA SER A 104 2.27 0.48 -9.54
C SER A 104 2.20 1.74 -8.70
N PHE A 105 2.39 1.60 -7.40
CA PHE A 105 2.35 2.75 -6.50
C PHE A 105 3.28 2.52 -5.31
N PRO A 106 4.57 2.24 -5.58
CA PRO A 106 5.49 2.00 -4.47
C PRO A 106 6.19 3.30 -4.06
N LYS A 107 7.14 3.16 -3.14
CA LYS A 107 7.93 4.29 -2.69
C LYS A 107 9.12 4.38 -3.62
N VAL A 108 9.65 5.59 -3.78
CA VAL A 108 10.87 5.79 -4.56
C VAL A 108 11.74 6.71 -3.73
N TRP A 109 13.05 6.59 -3.90
CA TRP A 109 13.99 7.39 -3.12
C TRP A 109 14.89 8.23 -4.00
N ARG A 110 15.28 9.38 -3.48
CA ARG A 110 16.14 10.29 -4.21
C ARG A 110 17.05 10.97 -3.18
N TYR A 111 18.36 10.86 -3.37
CA TYR A 111 19.29 11.48 -2.45
C TYR A 111 19.44 12.95 -2.85
N GLU A 112 18.67 13.80 -2.20
CA GLU A 112 18.70 15.22 -2.48
C GLU A 112 18.60 15.98 -1.16
N GLU A 113 19.21 17.16 -1.12
CA GLU A 113 19.17 17.97 0.10
C GLU A 113 17.80 18.61 0.22
N PRO A 114 17.24 18.65 1.46
CA PRO A 114 15.93 19.22 1.75
C PRO A 114 15.74 20.66 1.26
N GLN A 115 16.70 21.15 0.47
CA GLN A 115 16.62 22.50 -0.07
C GLN A 115 15.34 22.65 -0.88
N ALA A 116 15.38 22.19 -2.13
CA ALA A 116 14.20 22.27 -3.00
C ALA A 116 13.04 21.57 -2.30
N GLY A 117 12.12 22.37 -1.75
CA GLY A 117 10.97 21.83 -1.04
C GLY A 117 10.48 20.49 -1.55
N ARG A 118 11.13 19.42 -1.10
CA ARG A 118 10.77 18.06 -1.51
C ARG A 118 11.13 17.07 -0.40
N TYR A 119 11.00 15.78 -0.70
CA TYR A 119 11.33 14.73 0.27
C TYR A 119 12.23 13.72 -0.41
N ARG A 120 13.05 13.05 0.37
CA ARG A 120 13.95 12.05 -0.19
C ARG A 120 13.21 10.74 -0.46
N GLU A 121 11.95 10.69 -0.03
CA GLU A 121 11.15 9.49 -0.19
C GLU A 121 9.68 9.85 -0.37
N HIS A 122 9.02 9.26 -1.35
CA HIS A 122 7.60 9.53 -1.55
C HIS A 122 6.92 8.41 -2.30
N TYR A 123 5.61 8.35 -2.20
CA TYR A 123 4.83 7.35 -2.92
C TYR A 123 4.65 7.87 -4.34
N GLN A 124 5.05 7.05 -5.31
CA GLN A 124 5.02 7.37 -6.72
C GLN A 124 4.07 6.43 -7.46
N PHE A 125 3.06 6.99 -8.12
CA PHE A 125 2.11 6.17 -8.86
C PHE A 125 2.48 6.21 -10.34
N ASN A 126 2.46 5.05 -10.99
CA ASN A 126 2.75 4.97 -12.42
C ASN A 126 1.74 4.04 -13.12
N ALA A 127 1.29 4.46 -14.30
CA ALA A 127 0.35 3.66 -15.08
C ALA A 127 0.86 3.65 -16.52
N ASP A 128 1.05 2.46 -17.08
CA ASP A 128 1.56 2.36 -18.45
C ASP A 128 0.87 1.31 -19.28
N ILE A 129 0.81 1.57 -20.58
CA ILE A 129 0.25 0.63 -21.54
C ILE A 129 1.44 0.18 -22.40
N PHE A 130 1.71 -1.12 -22.41
CA PHE A 130 2.82 -1.67 -23.20
C PHE A 130 2.33 -2.52 -24.35
N GLY A 131 2.92 -2.32 -25.54
CA GLY A 131 2.57 -3.14 -26.68
C GLY A 131 1.64 -2.57 -27.73
N SER A 132 1.33 -1.28 -27.65
CA SER A 132 0.42 -0.67 -28.62
C SER A 132 0.83 0.73 -29.00
N ASP A 133 1.19 0.94 -30.26
CA ASP A 133 1.58 2.25 -30.76
C ASP A 133 0.37 2.80 -31.52
N SER A 134 -0.58 3.38 -30.78
CA SER A 134 -1.81 3.90 -31.38
C SER A 134 -2.39 5.11 -30.65
N PRO A 135 -3.30 5.85 -31.31
CA PRO A 135 -3.93 7.02 -30.69
C PRO A 135 -4.73 6.56 -29.48
N GLU A 136 -5.41 5.43 -29.66
CA GLU A 136 -6.25 4.85 -28.62
C GLU A 136 -5.50 4.71 -27.30
N ALA A 137 -4.25 4.28 -27.37
CA ALA A 137 -3.44 4.09 -26.18
C ALA A 137 -3.05 5.43 -25.57
N ASP A 138 -2.69 6.39 -26.42
CA ASP A 138 -2.33 7.72 -25.94
C ASP A 138 -3.51 8.31 -25.19
N ALA A 139 -4.70 8.13 -25.74
CA ALA A 139 -5.92 8.68 -25.14
C ALA A 139 -6.34 8.00 -23.84
N GLU A 140 -6.27 6.68 -23.79
CA GLU A 140 -6.67 5.96 -22.59
C GLU A 140 -5.84 6.40 -21.38
N VAL A 141 -4.53 6.48 -21.56
CA VAL A 141 -3.65 6.88 -20.47
C VAL A 141 -4.02 8.27 -19.97
N ILE A 142 -4.23 9.21 -20.88
CA ILE A 142 -4.59 10.56 -20.49
C ILE A 142 -5.97 10.56 -19.83
N ALA A 143 -6.90 9.78 -20.37
CA ALA A 143 -8.23 9.68 -19.80
C ALA A 143 -8.12 9.20 -18.36
N LEU A 144 -7.31 8.16 -18.15
CA LEU A 144 -7.09 7.60 -16.80
C LEU A 144 -6.57 8.65 -15.83
N ALA A 145 -5.63 9.47 -16.29
CA ALA A 145 -5.06 10.51 -15.46
C ALA A 145 -6.13 11.52 -15.06
N SER A 146 -6.99 11.90 -16.01
CA SER A 146 -8.08 12.85 -15.75
C SER A 146 -9.03 12.25 -14.74
N SER A 147 -9.39 10.99 -14.98
CA SER A 147 -10.31 10.28 -14.12
C SER A 147 -9.78 10.34 -12.69
N ILE A 148 -8.50 10.05 -12.52
CA ILE A 148 -7.91 10.07 -11.19
C ILE A 148 -7.98 11.46 -10.59
N LEU A 149 -7.67 12.49 -11.37
CA LEU A 149 -7.73 13.86 -10.84
C LEU A 149 -9.16 14.26 -10.48
N ASP A 150 -10.13 13.85 -11.30
CA ASP A 150 -11.52 14.18 -11.01
C ASP A 150 -12.02 13.45 -9.77
N ARG A 151 -11.72 12.16 -9.68
CA ARG A 151 -12.19 11.38 -8.54
C ARG A 151 -11.52 11.79 -7.23
N LEU A 152 -10.42 12.52 -7.34
CA LEU A 152 -9.72 13.00 -6.14
C LEU A 152 -10.39 14.29 -5.67
N GLY A 153 -11.33 14.78 -6.47
CA GLY A 153 -12.03 16.02 -6.12
C GLY A 153 -11.26 17.22 -6.65
N LEU A 154 -10.35 16.95 -7.57
CA LEU A 154 -9.52 17.99 -8.16
C LEU A 154 -9.99 18.45 -9.54
N GLN A 155 -11.21 18.08 -9.91
CA GLN A 155 -11.75 18.51 -11.19
C GLN A 155 -11.86 20.03 -11.11
N ASP A 156 -11.73 20.71 -12.25
CA ASP A 156 -11.82 22.18 -12.31
C ASP A 156 -10.54 22.93 -12.01
N ILE A 157 -9.53 22.27 -11.41
CA ILE A 157 -8.29 22.98 -11.11
C ILE A 157 -7.14 22.64 -12.06
N TYR A 158 -7.32 21.63 -12.92
CA TYR A 158 -6.27 21.22 -13.84
C TYR A 158 -6.67 21.32 -15.31
N GLU A 159 -5.68 21.43 -16.17
CA GLU A 159 -5.88 21.51 -17.60
C GLU A 159 -4.86 20.61 -18.29
N ILE A 160 -5.33 19.70 -19.14
CA ILE A 160 -4.42 18.81 -19.84
C ILE A 160 -3.72 19.55 -20.97
N ARG A 161 -2.40 19.50 -20.96
CA ARG A 161 -1.61 20.15 -22.00
C ARG A 161 -0.72 19.09 -22.66
N ILE A 162 -0.81 19.01 -23.98
CA ILE A 162 -0.03 18.04 -24.72
C ILE A 162 0.93 18.70 -25.71
N ASN A 163 1.96 17.95 -26.09
CA ASN A 163 2.93 18.43 -27.06
C ASN A 163 3.40 17.15 -27.73
N SER A 164 4.40 17.25 -28.59
CA SER A 164 4.92 16.07 -29.28
C SER A 164 6.31 16.27 -29.81
N ARG A 165 7.13 15.22 -29.72
CA ARG A 165 8.50 15.31 -30.20
C ARG A 165 8.50 15.50 -31.72
N LYS A 166 7.73 14.66 -32.42
CA LYS A 166 7.63 14.76 -33.86
C LYS A 166 7.15 16.15 -34.26
N ILE A 167 6.21 16.69 -33.49
CA ILE A 167 5.67 18.02 -33.74
C ILE A 167 6.76 19.07 -33.58
N GLU A 169 9.92 18.75 -33.70
CA GLU A 169 10.98 18.61 -34.68
C GLU A 169 10.58 19.23 -36.03
N GLU A 170 9.36 18.97 -36.45
CA GLU A 170 8.86 19.52 -37.71
C GLU A 170 8.86 21.04 -37.65
N ILE A 171 8.32 21.59 -36.56
CA ILE A 171 8.25 23.02 -36.39
C ILE A 171 9.61 23.68 -36.26
N ILE A 172 10.52 23.07 -35.50
CA ILE A 172 11.85 23.65 -35.33
C ILE A 172 12.67 23.47 -36.61
N GLY A 173 12.65 22.27 -37.16
CA GLY A 173 13.40 22.01 -38.38
C GLY A 173 13.02 22.95 -39.50
N GLY A 174 11.80 23.45 -39.48
CA GLY A 174 11.34 24.37 -40.50
C GLY A 174 11.77 25.79 -40.28
N THR A 176 15.05 26.36 -38.63
CA THR A 176 16.50 26.34 -38.57
C THR A 176 17.03 24.97 -38.97
N SER A 177 18.27 24.93 -39.43
CA SER A 177 18.88 23.68 -39.84
C SER A 177 19.76 23.11 -38.73
N SER A 178 20.05 23.93 -37.72
CA SER A 178 20.88 23.47 -36.62
C SER A 178 20.09 22.49 -35.74
N ASP A 179 20.79 21.81 -34.84
CA ASP A 179 20.18 20.82 -33.94
C ASP A 179 18.98 21.35 -33.16
N PRO A 180 17.80 20.75 -33.37
CA PRO A 180 16.54 21.10 -32.72
C PRO A 180 16.62 21.21 -31.20
N PHE A 181 17.28 20.24 -30.58
CA PHE A 181 17.41 20.22 -29.13
C PHE A 181 18.09 21.44 -28.53
N SER A 182 18.90 22.13 -29.33
CA SER A 182 19.56 23.33 -28.83
C SER A 182 18.47 24.37 -28.61
N VAL A 183 17.41 24.30 -29.43
CA VAL A 183 16.28 25.23 -29.31
C VAL A 183 15.31 24.76 -28.23
N PHE A 184 15.16 23.45 -28.07
CA PHE A 184 14.25 22.94 -27.03
C PHE A 184 14.77 23.43 -25.67
N SER A 185 16.10 23.52 -25.55
CA SER A 185 16.73 23.98 -24.32
C SER A 185 16.30 25.41 -24.00
N ILE A 186 16.38 26.29 -25.00
CA ILE A 186 15.98 27.68 -24.82
C ILE A 186 14.51 27.73 -24.40
N ILE A 187 13.66 27.05 -25.16
CA ILE A 187 12.23 26.99 -24.84
C ILE A 187 12.06 26.50 -23.41
N ASP A 188 12.98 25.64 -22.99
CA ASP A 188 12.96 25.08 -21.65
C ASP A 188 13.28 26.13 -20.59
N ARG A 189 13.94 27.20 -21.00
CA ARG A 189 14.32 28.28 -20.10
C ARG A 189 13.32 29.45 -20.18
N TYR A 190 12.23 29.25 -20.91
CA TYR A 190 11.22 30.29 -21.08
C TYR A 190 10.63 30.87 -19.80
N HIS A 191 10.49 30.04 -18.78
CA HIS A 191 9.93 30.49 -17.51
C HIS A 191 11.00 30.89 -16.49
N LYS A 192 12.25 30.87 -16.91
CA LYS A 192 13.35 31.22 -16.02
C LYS A 192 14.08 32.51 -16.39
N ILE A 193 14.26 32.76 -17.68
CA ILE A 193 14.96 33.96 -18.13
C ILE A 193 13.98 35.08 -18.47
N SER A 194 14.50 36.19 -19.00
CA SER A 194 13.68 37.34 -19.36
C SER A 194 13.18 37.23 -20.80
N ARG A 195 12.07 37.91 -21.08
CA ARG A 195 11.49 37.89 -22.42
C ARG A 195 12.49 38.45 -23.43
N GLU A 196 13.31 39.39 -22.95
CA GLU A 196 14.31 40.01 -23.80
C GLU A 196 15.48 39.07 -24.06
N GLU A 197 15.87 38.35 -23.01
CA GLU A 197 16.99 37.41 -23.08
C GLU A 197 16.59 36.16 -23.89
N PHE A 198 15.30 35.83 -23.82
CA PHE A 198 14.74 34.69 -24.54
C PHE A 198 14.89 34.91 -26.03
N VAL A 199 14.50 36.10 -26.49
CA VAL A 199 14.60 36.46 -27.90
C VAL A 199 16.03 36.37 -28.38
N ASP A 200 16.94 36.99 -27.64
CA ASP A 200 18.35 36.98 -27.99
C ASP A 200 18.85 35.55 -28.22
N GLN A 201 18.48 34.65 -27.31
CA GLN A 201 18.89 33.26 -27.43
C GLN A 201 18.29 32.61 -28.67
N LEU A 202 17.01 32.86 -28.93
CA LEU A 202 16.35 32.28 -30.10
C LEU A 202 17.00 32.82 -31.37
N ARG A 203 17.39 34.09 -31.33
CA ARG A 203 18.01 34.72 -32.47
C ARG A 203 19.48 34.35 -32.64
N SER A 204 20.06 33.72 -31.62
CA SER A 204 21.45 33.30 -31.70
C SER A 204 21.52 31.91 -32.33
N ALA A 205 20.40 31.21 -32.35
CA ALA A 205 20.33 29.87 -32.91
C ALA A 205 19.92 29.88 -34.39
N GLY A 206 20.08 31.02 -35.05
CA GLY A 206 19.75 31.13 -36.46
C GLY A 206 18.27 31.18 -36.82
N ILE A 207 17.45 31.70 -35.91
CA ILE A 207 16.02 31.80 -36.16
C ILE A 207 15.63 33.23 -36.51
N GLY A 208 14.89 33.39 -37.61
CA GLY A 208 14.46 34.72 -38.03
C GLY A 208 13.38 35.28 -37.12
N GLU A 209 13.06 36.56 -37.29
CA GLU A 209 12.03 37.21 -36.48
C GLU A 209 10.72 36.47 -36.66
N ASP A 210 10.67 35.81 -37.81
CA ASP A 210 9.57 34.97 -38.25
C ASP A 210 9.26 33.91 -37.18
N GLY A 211 10.17 32.96 -37.04
CA GLY A 211 10.01 31.89 -36.08
C GLY A 211 10.15 32.38 -34.65
N VAL A 212 10.99 33.38 -34.45
CA VAL A 212 11.18 33.91 -33.10
C VAL A 212 9.85 34.40 -32.55
N SER A 213 9.03 34.99 -33.42
CA SER A 213 7.73 35.51 -33.01
C SER A 213 6.72 34.41 -32.71
N ILE A 215 7.43 31.33 -31.77
CA ILE A 215 7.84 30.63 -30.56
C ILE A 215 7.43 31.41 -29.31
N ALA A 216 7.74 32.70 -29.28
CA ALA A 216 7.39 33.51 -28.14
C ALA A 216 5.88 33.49 -27.92
N ASP A 217 5.11 33.59 -29.01
CA ASP A 217 3.66 33.56 -28.91
C ASP A 217 3.21 32.20 -28.36
N LEU A 218 3.63 31.14 -29.04
CA LEU A 218 3.30 29.77 -28.66
C LEU A 218 3.63 29.43 -27.21
N CYS A 219 4.73 29.96 -26.68
CA CYS A 219 5.10 29.70 -25.29
C CYS A 219 4.29 30.56 -24.33
N SER A 220 3.71 31.64 -24.83
CA SER A 220 2.93 32.55 -24.00
C SER A 220 1.51 32.05 -23.77
N GLY A 221 1.01 31.25 -24.70
CA GLY A 221 -0.35 30.75 -24.54
C GLY A 221 -0.56 29.43 -25.23
N THR A 222 -1.47 28.64 -24.68
CA THR A 222 -1.77 27.33 -25.25
C THR A 222 -2.69 27.54 -26.45
N ARG A 223 -2.68 26.57 -27.37
CA ARG A 223 -3.51 26.63 -28.56
C ARG A 223 -4.38 25.39 -28.64
N GLY A 224 -5.42 25.46 -29.46
CA GLY A 224 -6.27 24.30 -29.65
C GLY A 224 -5.57 23.44 -30.68
N ILE A 225 -5.91 22.16 -30.75
CA ILE A 225 -5.25 21.29 -31.73
C ILE A 225 -5.54 21.83 -33.14
N ASP A 226 -6.70 22.46 -33.32
CA ASP A 226 -7.09 23.02 -34.62
C ASP A 226 -6.05 24.00 -35.13
N GLU A 227 -6.03 25.16 -34.49
CA GLU A 227 -5.13 26.26 -34.82
C GLU A 227 -3.77 25.82 -35.33
N ALA A 229 -2.52 23.28 -37.31
CA ALA A 229 -2.33 23.03 -38.73
C ALA A 229 -2.05 24.33 -39.47
N ARG A 230 -2.80 25.38 -39.14
CA ARG A 230 -2.65 26.68 -39.79
C ARG A 230 -1.50 27.54 -39.26
N ILE A 231 -1.39 27.62 -37.93
CA ILE A 231 -0.32 28.42 -37.32
C ILE A 231 1.05 27.97 -37.82
N THR A 232 1.21 26.68 -38.11
CA THR A 232 2.47 26.16 -38.60
C THR A 232 2.43 25.97 -40.11
N GLY A 233 1.31 26.31 -40.70
CA GLY A 233 1.13 26.20 -42.15
C GLY A 233 1.30 24.82 -42.75
N LYS A 234 1.18 23.78 -41.93
CA LYS A 234 1.33 22.41 -42.42
C LYS A 234 0.31 21.45 -41.80
N SER A 235 -0.03 20.41 -42.55
CA SER A 235 -0.99 19.40 -42.08
C SER A 235 -0.33 18.02 -42.12
N SER A 236 0.68 17.83 -41.28
CA SER A 236 1.40 16.57 -41.22
C SER A 236 0.59 15.47 -40.55
N GLU A 237 1.11 14.26 -40.59
CA GLU A 237 0.43 13.12 -39.98
C GLU A 237 0.40 13.26 -38.47
N GLU A 238 1.41 13.94 -37.92
CA GLU A 238 1.50 14.12 -36.47
C GLU A 238 0.36 14.97 -35.89
N ILE A 239 0.03 16.07 -36.56
CA ILE A 239 -1.05 16.92 -36.08
C ILE A 239 -2.38 16.20 -36.14
N ALA A 240 -2.55 15.33 -37.13
CA ALA A 240 -3.79 14.56 -37.26
C ALA A 240 -3.84 13.51 -36.15
N ARG A 241 -2.67 13.03 -35.76
CA ARG A 241 -2.54 12.03 -34.70
C ARG A 241 -3.09 12.67 -33.42
N ALA A 243 -5.12 15.31 -33.22
CA ALA A 243 -6.54 15.62 -33.37
C ALA A 243 -7.26 14.32 -33.10
N ALA A 244 -6.70 13.22 -33.60
CA ALA A 244 -7.27 11.91 -33.41
C ALA A 244 -7.33 11.62 -31.91
N VAL A 245 -6.28 11.97 -31.18
CA VAL A 245 -6.24 11.75 -29.73
C VAL A 245 -7.27 12.64 -29.04
N GLU A 246 -7.33 13.91 -29.45
CA GLU A 246 -8.29 14.85 -28.87
C GLU A 246 -9.70 14.29 -29.06
N ASP A 247 -9.98 13.81 -30.27
CA ASP A 247 -11.29 13.25 -30.57
C ASP A 247 -11.61 12.07 -29.65
N LEU A 248 -10.65 11.16 -29.50
CA LEU A 248 -10.82 10.00 -28.63
C LEU A 248 -11.02 10.44 -27.17
N LEU A 249 -10.28 11.46 -26.75
CA LEU A 249 -10.43 11.95 -25.38
C LEU A 249 -11.84 12.47 -25.12
N ALA A 250 -12.42 13.15 -26.12
CA ALA A 250 -13.76 13.71 -25.98
C ALA A 250 -14.76 12.60 -25.66
N SER A 251 -14.64 11.46 -26.32
CA SER A 251 -15.54 10.34 -26.07
C SER A 251 -15.40 9.79 -24.65
N TYR A 252 -14.30 10.15 -23.99
CA TYR A 252 -14.06 9.73 -22.61
C TYR A 252 -14.56 10.82 -21.66
N GLY A 253 -14.98 11.96 -22.23
CA GLY A 253 -15.47 13.05 -21.42
C GLY A 253 -14.40 14.09 -21.09
N VAL A 254 -13.21 13.89 -21.66
CA VAL A 254 -12.08 14.79 -21.45
C VAL A 254 -12.04 15.82 -22.56
N LYS A 255 -12.49 17.04 -22.23
CA LYS A 255 -12.55 18.14 -23.19
C LYS A 255 -11.61 19.27 -22.79
N ASN A 256 -11.50 20.27 -23.66
CA ASN A 256 -10.66 21.44 -23.41
C ASN A 256 -9.18 21.09 -23.29
N VAL A 257 -8.75 20.09 -24.04
CA VAL A 257 -7.37 19.68 -24.08
C VAL A 257 -6.64 20.81 -24.79
N ARG A 258 -5.45 21.15 -24.32
CA ARG A 258 -4.72 22.24 -24.95
C ARG A 258 -3.37 21.79 -25.49
N TYR A 259 -2.88 22.50 -26.49
CA TYR A 259 -1.58 22.20 -27.07
C TYR A 259 -0.63 23.24 -26.46
N ASP A 260 0.41 22.75 -25.78
CA ASP A 260 1.39 23.62 -25.15
C ASP A 260 2.75 23.36 -25.75
N PHE A 261 3.21 24.34 -26.50
CA PHE A 261 4.50 24.29 -27.20
C PHE A 261 5.69 24.23 -26.23
N SER A 262 5.52 24.83 -25.04
CA SER A 262 6.60 24.89 -24.05
C SER A 262 6.93 23.62 -23.28
N ILE A 263 6.13 22.56 -23.46
CA ILE A 263 6.40 21.30 -22.76
C ILE A 263 7.48 20.54 -23.53
N VAL A 264 8.74 20.77 -23.18
CA VAL A 264 9.85 20.12 -23.87
C VAL A 264 10.77 19.26 -23.02
N ARG A 265 10.60 19.30 -21.69
CA ARG A 265 11.44 18.48 -20.82
C ARG A 265 11.23 16.99 -21.07
N GLY A 266 12.32 16.29 -21.35
CA GLY A 266 12.24 14.86 -21.58
C GLY A 266 12.05 14.48 -23.03
N LEU A 267 11.93 15.48 -23.90
CA LEU A 267 11.74 15.23 -25.34
C LEU A 267 12.81 14.32 -25.91
N SER A 268 13.93 14.19 -25.21
CA SER A 268 15.01 13.33 -25.65
C SER A 268 14.67 11.90 -25.26
N TYR A 269 13.78 11.77 -24.29
CA TYR A 269 13.37 10.46 -23.82
C TYR A 269 12.12 9.97 -24.54
N TYR A 270 11.11 10.84 -24.58
CA TYR A 270 9.86 10.50 -25.24
C TYR A 270 9.99 10.46 -26.74
N THR A 271 9.26 9.54 -27.38
CA THR A 271 9.32 9.42 -28.82
C THR A 271 8.08 9.97 -29.51
N GLY A 272 6.98 10.10 -28.76
CA GLY A 272 5.74 10.60 -29.33
C GLY A 272 5.09 11.68 -28.49
N ILE A 273 3.79 11.54 -28.26
CA ILE A 273 3.07 12.52 -27.45
C ILE A 273 3.59 12.58 -26.01
N VAL A 274 3.45 13.74 -25.39
CA VAL A 274 3.84 13.94 -24.00
C VAL A 274 2.74 14.83 -23.44
N PHE A 275 2.42 14.72 -22.17
CA PHE A 275 1.37 15.55 -21.61
C PHE A 275 1.58 15.83 -20.14
N GLU A 276 0.86 16.83 -19.64
CA GLU A 276 0.94 17.21 -18.25
C GLU A 276 -0.42 17.71 -17.83
N ALA A 277 -0.68 17.65 -16.53
CA ALA A 277 -1.92 18.17 -15.97
C ALA A 277 -1.48 19.46 -15.32
N TYR A 278 -1.76 20.58 -15.97
CA TYR A 278 -1.37 21.90 -15.48
C TYR A 278 -2.36 22.48 -14.47
N ASP A 279 -1.81 23.10 -13.43
CA ASP A 279 -2.63 23.71 -12.38
C ASP A 279 -3.08 25.13 -12.74
N ARG A 280 -4.40 25.32 -12.85
CA ARG A 280 -4.99 26.61 -13.18
C ARG A 280 -4.47 27.71 -12.27
N SER A 281 -4.46 27.45 -10.97
CA SER A 281 -3.99 28.41 -9.98
C SER A 281 -2.49 28.68 -10.12
N GLY A 282 -1.91 28.13 -11.18
CA GLY A 282 -0.49 28.32 -11.44
C GLY A 282 0.48 28.14 -10.30
N GLN A 283 0.24 27.14 -9.43
CA GLN A 283 1.16 26.89 -8.32
C GLN A 283 2.13 25.78 -8.75
N PHE A 284 1.58 24.76 -9.41
CA PHE A 284 2.39 23.65 -9.89
C PHE A 284 2.23 23.56 -11.40
N ARG A 285 3.34 23.61 -12.13
CA ARG A 285 3.29 23.55 -13.58
C ARG A 285 2.84 22.20 -14.10
N ALA A 286 3.19 21.13 -13.38
CA ALA A 286 2.81 19.79 -13.78
C ALA A 286 2.42 18.93 -12.58
N ILE A 287 1.13 18.79 -12.35
CA ILE A 287 0.61 17.99 -11.25
C ILE A 287 0.99 16.54 -11.48
N LEU A 288 0.92 16.10 -12.73
CA LEU A 288 1.30 14.74 -13.12
C LEU A 288 1.59 14.80 -14.62
N GLY A 289 2.14 13.72 -15.16
CA GLY A 289 2.44 13.72 -16.58
C GLY A 289 3.15 12.49 -17.08
N GLY A 290 3.44 12.49 -18.38
CA GLY A 290 4.13 11.37 -18.99
C GLY A 290 4.06 11.51 -20.49
N GLY A 291 4.01 10.38 -21.18
CA GLY A 291 3.95 10.39 -22.62
C GLY A 291 4.46 9.07 -23.12
N ARG A 292 4.59 8.97 -24.45
CA ARG A 292 5.04 7.75 -25.09
C ARG A 292 6.56 7.67 -25.22
N TYR A 293 7.11 6.51 -24.93
CA TYR A 293 8.56 6.26 -24.97
C TYR A 293 8.85 4.87 -25.55
N ASP A 294 8.52 4.70 -26.83
CA ASP A 294 8.71 3.43 -27.52
C ASP A 294 10.13 2.86 -27.65
N ASN A 295 11.15 3.62 -27.25
CA ASN A 295 12.53 3.14 -27.38
C ASN A 295 13.23 2.56 -26.14
N LEU A 296 12.72 2.83 -24.94
CA LEU A 296 13.36 2.31 -23.73
C LEU A 296 13.48 0.78 -23.64
N ALA A 297 12.40 0.08 -23.95
CA ALA A 297 12.40 -1.38 -23.88
C ALA A 297 13.50 -1.99 -24.74
N SER A 298 13.58 -1.56 -25.99
CA SER A 298 14.60 -2.06 -26.91
C SER A 298 15.99 -1.86 -26.34
N LEU A 299 16.30 -0.63 -25.95
CA LEU A 299 17.61 -0.35 -25.38
C LEU A 299 17.92 -1.20 -24.16
N SER A 301 16.37 -4.34 -23.38
CA SER A 301 16.28 -5.77 -23.60
C SER A 301 16.59 -6.21 -25.01
N GLY A 302 16.44 -5.29 -25.95
CA GLY A 302 16.68 -5.62 -27.35
C GLY A 302 15.32 -5.93 -27.97
N GLU A 303 14.34 -6.16 -27.10
CA GLU A 303 12.99 -6.46 -27.53
C GLU A 303 12.21 -5.15 -27.70
N SER A 304 11.71 -4.89 -28.90
CA SER A 304 10.97 -3.66 -29.16
C SER A 304 9.62 -3.68 -28.46
N VAL A 305 9.32 -2.62 -27.71
CA VAL A 305 8.05 -2.56 -26.99
C VAL A 305 7.48 -1.16 -26.88
N PRO A 306 6.40 -0.87 -27.64
CA PRO A 306 5.83 0.47 -27.55
C PRO A 306 5.34 0.70 -26.11
N ALA A 307 5.42 1.93 -25.63
CA ALA A 307 4.99 2.22 -24.27
C ALA A 307 4.51 3.66 -24.08
N VAL A 308 3.40 3.82 -23.37
CA VAL A 308 2.80 5.13 -23.07
C VAL A 308 2.32 5.06 -21.63
N GLY A 309 2.46 6.15 -20.89
CA GLY A 309 2.01 6.14 -19.51
C GLY A 309 2.27 7.46 -18.82
N PHE A 310 1.97 7.53 -17.52
CA PHE A 310 2.19 8.76 -16.76
C PHE A 310 2.53 8.46 -15.31
N GLY A 311 3.12 9.45 -14.64
CA GLY A 311 3.50 9.29 -13.25
C GLY A 311 2.84 10.40 -12.44
N GLY A 313 3.09 11.97 -8.25
CA GLY A 313 3.64 11.90 -6.90
C GLY A 313 2.59 12.16 -5.84
N ASP A 314 2.76 11.61 -4.64
CA ASP A 314 1.78 11.82 -3.59
C ASP A 314 1.85 13.23 -2.98
N ALA A 315 3.06 13.75 -2.84
CA ALA A 315 3.26 15.06 -2.23
C ALA A 315 2.42 16.19 -2.84
N VAL A 316 2.56 16.43 -4.15
CA VAL A 316 1.79 17.50 -4.77
C VAL A 316 0.28 17.27 -4.72
N ILE A 317 -0.16 16.02 -4.82
CA ILE A 317 -1.59 15.72 -4.75
C ILE A 317 -2.06 16.09 -3.34
N SER A 318 -1.22 15.76 -2.36
CA SER A 318 -1.49 16.04 -0.96
C SER A 318 -1.72 17.54 -0.72
N LEU A 319 -0.87 18.38 -1.31
CA LEU A 319 -1.03 19.83 -1.13
C LEU A 319 -2.29 20.34 -1.83
N LEU A 320 -2.61 19.78 -2.99
CA LEU A 320 -3.80 20.19 -3.71
C LEU A 320 -5.08 19.83 -2.95
N LEU A 321 -5.13 18.64 -2.35
CA LEU A 321 -6.32 18.24 -1.61
C LEU A 321 -6.59 19.23 -0.48
N LYS A 322 -5.56 19.63 0.24
CA LYS A 322 -5.72 20.59 1.31
C LYS A 322 -6.11 21.94 0.73
N ARG A 323 -5.32 22.42 -0.23
CA ARG A 323 -5.60 23.71 -0.86
C ARG A 323 -7.05 23.82 -1.30
N GLU A 324 -7.54 22.82 -2.01
CA GLU A 324 -8.93 22.84 -2.49
C GLU A 324 -9.92 22.37 -1.44
N ASN A 325 -9.42 22.12 -0.23
CA ASN A 325 -10.24 21.67 0.88
C ASN A 325 -11.19 20.52 0.49
N VAL A 326 -10.63 19.44 -0.04
CA VAL A 326 -11.41 18.29 -0.46
C VAL A 326 -11.91 17.46 0.73
N GLN A 327 -13.17 17.06 0.68
CA GLN A 327 -13.75 16.27 1.75
C GLN A 327 -13.48 14.81 1.47
N ILE A 328 -12.84 14.13 2.42
CA ILE A 328 -12.50 12.72 2.29
C ILE A 328 -13.52 11.84 2.99
N PRO A 329 -14.16 10.95 2.23
CA PRO A 329 -15.18 10.01 2.73
C PRO A 329 -14.65 8.98 3.71
N ARG A 330 -15.56 8.39 4.47
CA ARG A 330 -15.20 7.35 5.44
C ARG A 330 -15.94 6.08 5.02
N GLU A 331 -15.19 5.02 4.74
CA GLU A 331 -15.77 3.76 4.33
C GLU A 331 -16.85 3.24 5.27
N LYS A 332 -16.52 3.09 6.55
CA LYS A 332 -17.47 2.54 7.51
C LYS A 332 -17.89 3.45 8.68
N LYS A 333 -18.95 3.05 9.36
CA LYS A 333 -19.43 3.76 10.54
C LYS A 333 -18.61 3.24 11.71
N SER A 334 -18.26 4.15 12.63
CA SER A 334 -17.44 3.83 13.79
C SER A 334 -18.26 3.81 15.09
N VAL A 335 -17.98 2.82 15.93
CA VAL A 335 -18.70 2.67 17.20
C VAL A 335 -17.76 2.47 18.37
N TYR A 336 -17.97 3.23 19.44
CA TYR A 336 -17.17 3.12 20.64
C TYR A 336 -18.04 2.48 21.73
N ILE A 337 -17.49 1.51 22.47
CA ILE A 337 -18.23 0.83 23.52
C ILE A 337 -17.51 0.99 24.85
N CYS A 338 -18.23 1.47 25.86
CA CYS A 338 -17.62 1.66 27.17
C CYS A 338 -18.56 1.23 28.27
N ARG A 339 -18.06 1.27 29.49
CA ARG A 339 -18.86 0.89 30.63
C ARG A 339 -18.78 1.91 31.75
N VAL A 340 -19.76 1.85 32.63
CA VAL A 340 -19.85 2.69 33.81
C VAL A 340 -20.33 1.71 34.89
N GLY A 341 -19.55 1.56 35.95
CA GLY A 341 -19.91 0.64 37.01
C GLY A 341 -19.31 -0.72 36.66
N LYS A 342 -19.42 -1.71 37.54
CA LYS A 342 -18.85 -3.01 37.24
C LYS A 342 -19.57 -3.74 36.11
N ILE A 343 -18.84 -3.98 35.03
CA ILE A 343 -19.36 -4.66 33.86
C ILE A 343 -18.23 -5.44 33.22
N ASN A 344 -18.47 -6.73 32.99
CA ASN A 344 -17.49 -7.63 32.40
C ASN A 344 -17.04 -7.19 31.02
N SER A 345 -15.72 -7.23 30.79
CA SER A 345 -15.18 -6.85 29.49
C SER A 345 -15.70 -7.79 28.40
N SER A 346 -15.96 -9.04 28.77
CA SER A 346 -16.45 -10.04 27.82
C SER A 346 -17.78 -9.66 27.16
N ILE A 347 -18.71 -9.09 27.91
CA ILE A 347 -20.00 -8.71 27.31
C ILE A 347 -19.78 -7.65 26.24
N ASN A 349 -16.93 -7.30 24.48
CA ASN A 349 -16.25 -7.96 23.37
C ASN A 349 -17.30 -8.68 22.51
N GLU A 350 -18.21 -9.41 23.16
CA GLU A 350 -19.27 -10.13 22.46
C GLU A 350 -20.04 -9.25 21.47
N TYR A 351 -20.45 -8.06 21.93
CA TYR A 351 -21.20 -7.16 21.06
C TYR A 351 -20.36 -6.47 20.01
N SER A 352 -19.07 -6.27 20.27
CA SER A 352 -18.23 -5.63 19.28
C SER A 352 -17.98 -6.62 18.15
N ARG A 353 -17.89 -7.91 18.49
CA ARG A 353 -17.71 -8.92 17.45
C ARG A 353 -18.94 -8.95 16.56
N LYS A 354 -20.12 -8.88 17.18
CA LYS A 354 -21.37 -8.90 16.42
C LYS A 354 -21.51 -7.66 15.54
N LEU A 355 -21.02 -6.53 16.03
CA LEU A 355 -21.10 -5.30 15.26
C LEU A 355 -20.11 -5.29 14.11
N ARG A 356 -18.93 -5.89 14.33
CA ARG A 356 -17.90 -5.96 13.30
C ARG A 356 -18.31 -6.93 12.19
N GLU A 357 -18.98 -8.00 12.57
CA GLU A 357 -19.40 -8.99 11.60
C GLU A 357 -20.52 -8.41 10.74
N ARG A 358 -21.07 -7.27 11.17
CA ARG A 358 -22.13 -6.61 10.43
C ARG A 358 -21.62 -5.36 9.71
N GLY A 359 -20.33 -5.34 9.39
CA GLY A 359 -19.75 -4.22 8.66
C GLY A 359 -19.44 -2.91 9.38
N ASN A 361 -16.94 -0.65 12.26
CA ASN A 361 -15.65 -0.57 12.93
C ASN A 361 -15.96 -0.33 14.39
N VAL A 362 -15.36 -1.13 15.28
CA VAL A 362 -15.65 -0.96 16.69
C VAL A 362 -14.43 -0.82 17.59
N THR A 363 -14.49 0.19 18.47
CA THR A 363 -13.42 0.43 19.42
C THR A 363 -13.97 0.25 20.84
N VAL A 364 -13.43 -0.71 21.58
CA VAL A 364 -13.88 -0.97 22.94
C VAL A 364 -12.96 -0.27 23.95
N GLU A 365 -13.52 0.30 25.00
CA GLU A 365 -12.71 0.95 26.04
C GLU A 365 -12.02 -0.15 26.85
N ILE A 366 -10.71 -0.04 26.99
CA ILE A 366 -9.93 -1.03 27.72
C ILE A 366 -9.15 -0.39 28.87
N GLU A 368 -9.19 2.14 32.48
CA GLU A 368 -10.00 2.61 33.60
C GLU A 368 -10.07 4.12 33.57
N ARG A 369 -11.29 4.64 33.49
CA ARG A 369 -11.50 6.09 33.41
C ARG A 369 -12.98 6.39 33.52
N GLY A 370 -13.28 7.60 34.00
CA GLY A 370 -14.67 8.01 34.15
C GLY A 370 -15.38 8.17 32.83
N LEU A 371 -16.70 8.30 32.88
CA LEU A 371 -17.53 8.43 31.69
C LEU A 371 -17.17 9.63 30.81
N SER A 372 -17.00 10.81 31.43
CA SER A 372 -16.67 12.02 30.70
C SER A 372 -15.40 11.87 29.86
N ALA A 373 -14.40 11.23 30.44
CA ALA A 373 -13.13 11.02 29.74
C ALA A 373 -13.33 10.03 28.58
N GLN A 374 -14.21 9.05 28.80
CA GLN A 374 -14.48 8.04 27.78
C GLN A 374 -15.17 8.66 26.57
N LEU A 375 -16.13 9.55 26.82
CA LEU A 375 -16.82 10.20 25.71
C LEU A 375 -15.88 11.16 24.99
N LYS A 376 -14.96 11.76 25.74
CA LYS A 376 -13.99 12.67 25.17
C LYS A 376 -13.14 11.84 24.20
N TYR A 377 -12.81 10.62 24.62
CA TYR A 377 -12.01 9.71 23.81
C TYR A 377 -12.77 9.32 22.56
N ALA A 378 -14.04 8.97 22.73
CA ALA A 378 -14.89 8.59 21.61
C ALA A 378 -14.92 9.71 20.58
N SER A 379 -14.99 10.95 21.05
CA SER A 379 -15.04 12.08 20.15
C SER A 379 -13.70 12.24 19.42
N ALA A 380 -12.61 12.12 20.17
CA ALA A 380 -11.28 12.25 19.58
C ALA A 380 -11.08 11.28 18.41
N ILE A 381 -11.54 10.04 18.56
CA ILE A 381 -11.38 9.06 17.48
C ILE A 381 -12.46 9.18 16.41
N GLY A 382 -13.33 10.17 16.56
CA GLY A 382 -14.38 10.38 15.58
C GLY A 382 -15.45 9.31 15.50
N ALA A 383 -15.71 8.62 16.61
CA ALA A 383 -16.74 7.58 16.60
C ALA A 383 -18.08 8.23 16.25
N ASP A 384 -18.93 7.49 15.55
CA ASP A 384 -20.25 8.01 15.18
C ASP A 384 -21.23 7.75 16.31
N PHE A 385 -21.04 6.65 17.01
CA PHE A 385 -21.90 6.28 18.11
C PHE A 385 -21.10 5.77 19.28
N ALA A 386 -21.70 5.81 20.46
CA ALA A 386 -21.07 5.31 21.65
C ALA A 386 -22.12 4.42 22.31
N VAL A 387 -21.72 3.20 22.68
CA VAL A 387 -22.63 2.28 23.35
C VAL A 387 -22.19 2.28 24.80
N ILE A 388 -23.09 2.69 25.69
CA ILE A 388 -22.77 2.78 27.10
C ILE A 388 -23.40 1.64 27.91
N PHE A 389 -22.56 0.76 28.45
CA PHE A 389 -23.00 -0.36 29.26
C PHE A 389 -22.99 0.03 30.73
N GLY A 390 -24.16 0.07 31.35
CA GLY A 390 -24.25 0.41 32.76
C GLY A 390 -24.73 -0.85 33.47
N GLU A 391 -24.09 -1.22 34.56
CA GLU A 391 -24.49 -2.44 35.25
C GLU A 391 -25.95 -2.48 35.66
N ARG A 392 -26.44 -1.40 36.27
CA ARG A 392 -27.84 -1.38 36.68
C ARG A 392 -28.74 -1.55 35.46
N ASP A 393 -28.47 -0.78 34.42
CA ASP A 393 -29.25 -0.84 33.19
C ASP A 393 -29.22 -2.21 32.53
N LEU A 394 -28.08 -2.91 32.66
CA LEU A 394 -27.92 -4.23 32.06
C LEU A 394 -28.92 -5.21 32.67
N GLU A 395 -29.21 -5.03 33.96
CA GLU A 395 -30.14 -5.88 34.67
C GLU A 395 -31.49 -5.87 33.95
N ARG A 396 -31.82 -4.71 33.37
CA ARG A 396 -33.08 -4.55 32.66
C ARG A 396 -32.97 -4.84 31.17
N GLY A 397 -31.83 -5.38 30.77
CA GLY A 397 -31.63 -5.73 29.37
C GLY A 397 -31.45 -4.56 28.42
N VAL A 398 -31.22 -3.36 28.94
CA VAL A 398 -31.02 -2.22 28.05
C VAL A 398 -29.61 -1.66 28.13
N VAL A 399 -29.27 -0.85 27.16
CA VAL A 399 -27.95 -0.24 27.10
C VAL A 399 -28.21 1.13 26.51
N THR A 400 -27.42 2.13 26.88
CA THR A 400 -27.63 3.48 26.34
C THR A 400 -26.74 3.69 25.11
N ILE A 401 -27.33 4.24 24.06
CA ILE A 401 -26.61 4.51 22.81
C ILE A 401 -26.76 5.99 22.46
N ARG A 402 -25.64 6.68 22.27
CA ARG A 402 -25.72 8.08 21.92
C ARG A 402 -25.11 8.40 20.57
N ASN A 403 -25.76 9.32 19.86
CA ASN A 403 -25.29 9.76 18.56
C ASN A 403 -24.22 10.81 18.87
N TYR A 405 -22.82 12.91 17.19
CA TYR A 405 -22.98 14.19 16.54
C TYR A 405 -24.15 14.99 17.09
N THR A 406 -25.30 14.36 17.24
CA THR A 406 -26.48 15.04 17.77
C THR A 406 -26.28 15.30 19.25
N GLY A 407 -25.75 14.30 19.95
CA GLY A 407 -25.52 14.43 21.38
C GLY A 407 -26.60 13.75 22.18
N SER A 408 -27.65 13.30 21.49
CA SER A 408 -28.77 12.63 22.14
C SER A 408 -28.47 11.17 22.43
N GLN A 409 -29.31 10.56 23.25
CA GLN A 409 -29.13 9.15 23.56
C GLN A 409 -30.41 8.46 23.99
N GLU A 410 -30.60 7.25 23.47
CA GLU A 410 -31.77 6.44 23.76
C GLU A 410 -31.37 5.12 24.41
N ASN A 411 -32.30 4.51 25.13
CA ASN A 411 -32.05 3.22 25.73
C ASN A 411 -32.35 2.24 24.59
N VAL A 412 -31.62 1.14 24.53
CA VAL A 412 -31.84 0.16 23.48
C VAL A 412 -31.67 -1.23 24.09
N GLY A 413 -32.56 -2.14 23.72
CA GLY A 413 -32.48 -3.49 24.25
C GLY A 413 -31.33 -4.25 23.64
N LEU A 414 -30.63 -5.02 24.45
CA LEU A 414 -29.48 -5.78 23.97
C LEU A 414 -29.80 -6.47 22.66
N ASP A 415 -30.99 -7.07 22.60
CA ASP A 415 -31.45 -7.79 21.42
C ASP A 415 -31.56 -6.93 20.16
N SER A 416 -31.55 -5.61 20.33
CA SER A 416 -31.68 -4.72 19.19
C SER A 416 -30.51 -3.76 18.94
N VAL A 417 -29.49 -3.81 19.79
CA VAL A 417 -28.33 -2.92 19.62
C VAL A 417 -27.79 -2.97 18.19
N VAL A 418 -27.43 -4.16 17.74
CA VAL A 418 -26.90 -4.33 16.38
C VAL A 418 -27.80 -3.72 15.32
N GLU A 419 -28.97 -4.34 15.14
CA GLU A 419 -29.93 -3.88 14.15
C GLU A 419 -30.23 -2.40 14.28
N HIS A 420 -30.19 -1.86 15.49
CA HIS A 420 -30.46 -0.45 15.71
C HIS A 420 -29.37 0.41 15.09
N LEU A 421 -28.11 0.13 15.45
CA LEU A 421 -27.00 0.89 14.89
C LEU A 421 -26.96 0.76 13.37
N ILE A 422 -27.14 -0.46 12.87
CA ILE A 422 -27.12 -0.70 11.43
C ILE A 422 -28.09 0.23 10.69
N SER A 423 -29.24 0.50 11.29
CA SER A 423 -30.23 1.36 10.66
C SER A 423 -29.92 2.84 10.87
N GLN A 424 -29.39 3.18 12.03
CA GLN A 424 -29.07 4.56 12.33
C GLN A 424 -28.03 5.02 11.31
N ALA A 425 -28.15 6.25 10.83
CA ALA A 425 -27.21 6.77 9.85
C ALA A 425 -26.62 8.13 10.25
N THR A 426 -26.59 8.39 11.56
CA THR A 426 -26.06 9.64 12.09
C THR A 426 -26.68 10.87 11.44
N GLN B 5 18.78 -7.72 -20.17
CA GLN B 5 19.78 -8.65 -19.57
C GLN B 5 20.06 -8.40 -18.08
N ILE B 6 20.03 -7.14 -17.64
CA ILE B 6 20.26 -6.85 -16.22
C ILE B 6 19.14 -7.48 -15.40
N GLU B 7 19.52 -8.35 -14.48
CA GLU B 7 18.56 -9.06 -13.65
C GLU B 7 18.36 -8.42 -12.28
N LYS B 8 17.37 -8.91 -11.54
CA LYS B 8 17.11 -8.36 -10.23
C LYS B 8 17.92 -9.07 -9.18
N ILE B 9 18.42 -8.31 -8.21
CA ILE B 9 19.21 -8.82 -7.11
C ILE B 9 18.52 -10.08 -6.58
N ARG B 10 19.28 -11.15 -6.39
CA ARG B 10 18.67 -12.38 -5.88
C ARG B 10 18.15 -12.19 -4.47
N GLY B 11 17.07 -12.89 -4.14
CA GLY B 11 16.49 -12.76 -2.82
C GLY B 11 15.30 -11.83 -2.86
N PHE B 12 15.17 -11.07 -3.96
CA PHE B 12 14.06 -10.16 -4.13
C PHE B 12 13.06 -10.77 -5.10
N ARG B 13 11.81 -10.37 -4.98
CA ARG B 13 10.73 -10.85 -5.81
C ARG B 13 10.16 -9.78 -6.74
N ASP B 14 9.53 -10.25 -7.81
CA ASP B 14 8.84 -9.38 -8.74
C ASP B 14 7.41 -9.79 -8.50
N PHE B 15 6.48 -8.86 -8.66
CA PHE B 15 5.08 -9.19 -8.45
C PHE B 15 4.26 -8.87 -9.69
N TYR B 16 4.05 -9.88 -10.53
CA TYR B 16 3.25 -9.71 -11.73
C TYR B 16 1.79 -9.64 -11.26
N PRO B 17 0.88 -9.16 -12.12
CA PRO B 17 -0.53 -9.06 -11.72
C PRO B 17 -1.09 -10.21 -10.89
N GLU B 18 -0.89 -11.45 -11.35
CA GLU B 18 -1.41 -12.59 -10.61
C GLU B 18 -0.82 -12.70 -9.22
N ASP B 19 0.42 -12.25 -9.04
CA ASP B 19 1.05 -12.31 -7.73
C ASP B 19 0.43 -11.24 -6.84
N ASP B 21 -2.60 -10.18 -6.94
CA ASP B 21 -3.98 -10.48 -6.58
C ASP B 21 -3.96 -11.10 -5.20
N VAL B 22 -2.91 -11.87 -4.94
CA VAL B 22 -2.75 -12.54 -3.66
C VAL B 22 -2.36 -11.53 -2.57
N GLU B 23 -1.35 -10.71 -2.87
CA GLU B 23 -0.87 -9.69 -1.92
C GLU B 23 -1.97 -8.72 -1.54
N LYS B 24 -2.70 -8.22 -2.54
CA LYS B 24 -3.79 -7.28 -2.29
C LYS B 24 -4.83 -7.91 -1.35
N PHE B 25 -5.08 -9.20 -1.53
CA PHE B 25 -6.05 -9.88 -0.68
C PHE B 25 -5.55 -9.87 0.75
N ILE B 26 -4.24 -10.08 0.90
CA ILE B 26 -3.62 -10.07 2.22
C ILE B 26 -3.68 -8.66 2.82
N PHE B 27 -3.44 -7.64 2.00
CA PHE B 27 -3.49 -6.26 2.48
C PHE B 27 -4.90 -5.86 2.92
N LYS B 28 -5.87 -6.18 2.07
CA LYS B 28 -7.27 -5.85 2.32
C LYS B 28 -7.81 -6.50 3.59
N THR B 29 -7.54 -7.78 3.75
CA THR B 29 -8.02 -8.52 4.91
C THR B 29 -7.38 -8.01 6.21
N ALA B 30 -6.08 -7.76 6.17
CA ALA B 30 -5.38 -7.27 7.36
C ALA B 30 -5.86 -5.88 7.74
N GLU B 31 -5.92 -4.99 6.77
CA GLU B 31 -6.36 -3.62 6.99
C GLU B 31 -7.80 -3.47 7.42
N GLU B 32 -8.69 -4.23 6.79
CA GLU B 32 -10.10 -4.15 7.15
C GLU B 32 -10.34 -4.71 8.54
N ALA B 33 -9.66 -5.80 8.88
CA ALA B 33 -9.83 -6.39 10.20
C ALA B 33 -9.32 -5.43 11.26
N ALA B 34 -8.08 -4.94 11.08
CA ALA B 34 -7.49 -4.00 12.03
C ALA B 34 -8.39 -2.78 12.23
N GLU B 35 -8.90 -2.20 11.16
CA GLU B 35 -9.76 -1.03 11.28
C GLU B 35 -11.08 -1.39 11.96
N ALA B 36 -11.49 -2.65 11.80
CA ALA B 36 -12.73 -3.10 12.44
C ALA B 36 -12.52 -3.18 13.95
N PHE B 37 -11.29 -3.39 14.39
CA PHE B 37 -10.98 -3.44 15.82
C PHE B 37 -10.65 -2.06 16.34
N GLY B 38 -10.71 -1.07 15.44
CA GLY B 38 -10.43 0.31 15.83
C GLY B 38 -9.02 0.83 15.56
N PHE B 39 -8.18 0.02 14.93
CA PHE B 39 -6.82 0.45 14.63
C PHE B 39 -6.77 1.43 13.44
N ARG B 40 -5.83 2.36 13.48
CA ARG B 40 -5.68 3.34 12.40
C ARG B 40 -4.29 3.19 11.79
N ARG B 41 -4.23 3.32 10.47
CA ARG B 41 -2.99 3.15 9.75
C ARG B 41 -1.98 4.28 9.92
N ILE B 42 -0.69 3.94 9.84
CA ILE B 42 0.37 4.92 9.92
C ILE B 42 1.48 4.42 9.02
N ASP B 43 2.45 5.28 8.74
CA ASP B 43 3.60 4.87 7.96
C ASP B 43 4.79 5.67 8.48
N PHE B 44 5.98 5.27 8.06
CA PHE B 44 7.20 5.91 8.50
C PHE B 44 8.25 5.64 7.42
N PRO B 45 9.39 6.33 7.50
CA PRO B 45 10.43 6.12 6.49
C PRO B 45 10.90 4.67 6.35
N SER B 46 11.38 4.32 5.16
CA SER B 46 11.86 2.96 4.92
C SER B 46 13.35 2.88 5.21
N LEU B 47 13.97 4.05 5.38
CA LEU B 47 15.40 4.12 5.68
C LEU B 47 15.57 4.90 7.00
N GLU B 48 16.50 4.44 7.84
CA GLU B 48 16.76 5.08 9.13
C GLU B 48 18.27 5.06 9.40
N TYR B 49 18.71 5.84 10.39
CA TYR B 49 20.13 5.82 10.76
C TYR B 49 20.34 4.54 11.55
N LEU B 50 21.42 3.83 11.25
CA LEU B 50 21.71 2.59 11.95
C LEU B 50 21.74 2.74 13.46
N ASP B 51 22.24 3.88 13.96
CA ASP B 51 22.31 4.12 15.39
C ASP B 51 20.95 4.02 16.07
N LEU B 52 19.88 4.12 15.29
CA LEU B 52 18.54 4.05 15.86
C LEU B 52 18.31 2.70 16.51
N TYR B 53 18.92 1.66 15.94
CA TYR B 53 18.74 0.30 16.45
C TYR B 53 19.76 -0.14 17.51
N ARG B 54 20.70 0.74 17.85
CA ARG B 54 21.69 0.41 18.88
C ARG B 54 21.04 0.56 20.25
N ILE B 55 20.13 -0.35 20.56
CA ILE B 55 19.39 -0.33 21.82
C ILE B 55 19.47 -1.69 22.49
N LYS B 56 19.61 -1.70 23.81
CA LYS B 56 19.67 -2.94 24.55
C LYS B 56 18.28 -3.56 24.47
N SER B 57 18.19 -4.76 23.89
CA SER B 57 16.92 -5.48 23.73
C SER B 57 16.36 -5.40 22.30
N GLY B 58 16.99 -4.58 21.46
CA GLY B 58 16.55 -4.45 20.08
C GLY B 58 17.71 -4.76 19.16
N GLU B 59 18.46 -5.79 19.54
CA GLU B 59 19.64 -6.22 18.80
C GLU B 59 19.45 -7.50 18.01
N GLU B 60 18.25 -8.05 18.02
CA GLU B 60 17.98 -9.28 17.29
C GLU B 60 17.93 -9.12 15.77
N LEU B 61 17.22 -8.11 15.29
CA LEU B 61 17.12 -7.90 13.85
C LEU B 61 18.27 -7.10 13.29
N LEU B 62 19.12 -6.59 14.18
CA LEU B 62 20.27 -5.81 13.77
C LEU B 62 21.29 -6.79 13.18
N GLN B 63 21.02 -8.07 13.37
CA GLN B 63 21.87 -9.15 12.88
C GLN B 63 21.80 -9.29 11.35
N GLN B 64 20.71 -8.86 10.74
CA GLN B 64 20.56 -8.99 9.29
C GLN B 64 20.10 -7.69 8.60
N THR B 65 20.64 -6.56 9.03
CA THR B 65 20.24 -5.29 8.44
C THR B 65 20.88 -4.99 7.07
N TYR B 66 20.09 -4.40 6.19
CA TYR B 66 20.57 -4.03 4.87
C TYR B 66 21.06 -2.61 5.09
N SER B 67 22.22 -2.49 5.73
CA SER B 67 22.80 -1.19 6.04
C SER B 67 23.92 -0.77 5.08
N PHE B 68 24.19 0.53 5.07
CA PHE B 68 25.24 1.05 4.22
C PHE B 68 25.52 2.51 4.56
N VAL B 69 26.54 3.07 3.92
CA VAL B 69 26.92 4.45 4.15
C VAL B 69 26.33 5.30 3.04
N ASP B 70 25.45 6.23 3.39
CA ASP B 70 24.85 7.07 2.38
C ASP B 70 25.99 7.88 1.76
N LYS B 71 25.70 8.69 0.75
CA LYS B 71 26.77 9.47 0.15
C LYS B 71 27.12 10.66 1.03
N GLY B 72 26.53 10.69 2.22
CA GLY B 72 26.78 11.76 3.17
C GLY B 72 27.72 11.28 4.27
N GLY B 73 28.25 10.07 4.13
CA GLY B 73 29.17 9.52 5.13
C GLY B 73 28.54 8.81 6.31
N ARG B 74 27.25 9.04 6.55
CA ARG B 74 26.56 8.42 7.67
C ARG B 74 26.05 7.01 7.41
N GLU B 75 25.99 6.21 8.46
CA GLU B 75 25.51 4.83 8.34
C GLU B 75 23.99 4.81 8.40
N VAL B 76 23.37 4.14 7.44
CA VAL B 76 21.92 4.03 7.41
C VAL B 76 21.52 2.61 7.08
N THR B 77 20.24 2.31 7.23
CA THR B 77 19.76 0.98 6.94
C THR B 77 18.31 0.94 6.53
N LEU B 78 17.99 0.04 5.61
CA LEU B 78 16.62 -0.15 5.20
C LEU B 78 16.03 -0.70 6.50
N ILE B 79 14.79 -0.35 6.84
CA ILE B 79 14.26 -0.86 8.11
C ILE B 79 14.08 -2.36 8.12
N PRO B 80 14.56 -3.02 9.18
CA PRO B 80 14.46 -4.49 9.38
C PRO B 80 13.14 -4.85 10.04
N GLU B 81 12.48 -3.86 10.63
CA GLU B 81 11.21 -4.06 11.33
C GLU B 81 10.58 -2.69 11.51
N ALA B 82 9.33 -2.66 11.95
CA ALA B 82 8.61 -1.41 12.11
C ALA B 82 8.51 -0.84 13.52
N THR B 83 8.62 -1.70 14.52
CA THR B 83 8.46 -1.29 15.91
C THR B 83 9.22 -0.06 16.43
N PRO B 84 10.55 -0.02 16.26
CA PRO B 84 11.20 1.19 16.80
C PRO B 84 10.78 2.51 16.13
N SER B 85 10.48 2.46 14.83
CA SER B 85 10.05 3.66 14.11
C SER B 85 8.67 4.07 14.66
N THR B 86 7.84 3.07 14.90
CA THR B 86 6.49 3.31 15.43
C THR B 86 6.60 3.89 16.84
N VAL B 87 7.43 3.29 17.68
CA VAL B 87 7.61 3.78 19.04
C VAL B 87 8.11 5.23 19.03
N ARG B 88 9.08 5.55 18.20
CA ARG B 88 9.57 6.92 18.12
C ARG B 88 8.41 7.87 17.82
N VAL B 90 5.17 7.24 18.57
CA VAL B 90 4.27 7.23 19.71
C VAL B 90 4.73 8.25 20.74
N THR B 91 6.00 8.20 21.09
CA THR B 91 6.54 9.11 22.08
C THR B 91 6.57 10.56 21.63
N SER B 92 6.14 10.84 20.39
CA SER B 92 6.11 12.22 19.89
C SER B 92 4.69 12.80 19.84
N ARG B 93 3.72 12.05 20.36
CA ARG B 93 2.33 12.50 20.36
C ARG B 93 1.73 12.45 21.77
N LYS B 94 2.25 13.27 22.67
CA LYS B 94 1.76 13.30 24.04
C LYS B 94 0.39 13.96 24.10
N ASP B 95 -0.07 14.46 22.95
CA ASP B 95 -1.36 15.10 22.86
C ASP B 95 -2.48 14.06 22.71
N LEU B 96 -2.17 12.93 22.09
CA LEU B 96 -3.16 11.88 21.87
C LEU B 96 -3.58 11.09 23.12
N GLN B 97 -4.87 11.13 23.42
CA GLN B 97 -5.40 10.42 24.57
C GLN B 97 -5.27 8.91 24.30
N ARG B 98 -4.84 8.17 25.31
CA ARG B 98 -4.65 6.73 25.20
C ARG B 98 -5.97 5.99 25.24
N PRO B 99 -5.99 4.74 24.75
CA PRO B 99 -4.85 4.02 24.16
C PRO B 99 -4.66 4.40 22.70
N LEU B 100 -3.52 4.03 22.14
CA LEU B 100 -3.21 4.28 20.74
C LEU B 100 -3.20 2.90 20.06
N ARG B 101 -4.06 2.75 19.05
CA ARG B 101 -4.19 1.52 18.28
C ARG B 101 -3.73 1.84 16.87
N TRP B 102 -2.47 1.54 16.59
CA TRP B 102 -1.89 1.81 15.28
C TRP B 102 -1.46 0.55 14.57
N TYR B 103 -1.61 0.53 13.25
CA TYR B 103 -1.19 -0.60 12.44
C TYR B 103 -0.46 -0.07 11.23
N SER B 104 0.41 -0.89 10.66
CA SER B 104 1.17 -0.51 9.48
C SER B 104 1.37 -1.74 8.61
N PHE B 105 1.78 -1.54 7.37
CA PHE B 105 2.02 -2.66 6.47
C PHE B 105 3.12 -2.28 5.49
N PRO B 106 4.29 -1.90 6.03
CA PRO B 106 5.42 -1.50 5.19
C PRO B 106 6.26 -2.67 4.74
N LYS B 107 7.20 -2.37 3.86
CA LYS B 107 8.15 -3.36 3.41
C LYS B 107 9.20 -3.29 4.51
N VAL B 108 9.90 -4.40 4.73
CA VAL B 108 11.00 -4.42 5.70
C VAL B 108 12.06 -5.26 4.99
N TRP B 109 13.32 -5.03 5.31
CA TRP B 109 14.39 -5.76 4.66
C TRP B 109 15.28 -6.50 5.63
N ARG B 110 15.88 -7.57 5.15
CA ARG B 110 16.77 -8.38 5.96
C ARG B 110 17.69 -9.12 5.02
N TYR B 111 18.99 -8.91 5.19
CA TYR B 111 19.98 -9.58 4.33
C TYR B 111 20.18 -11.00 4.84
N GLU B 112 19.28 -11.90 4.45
CA GLU B 112 19.35 -13.30 4.86
C GLU B 112 19.28 -14.21 3.64
N GLU B 113 19.64 -15.48 3.81
CA GLU B 113 19.60 -16.44 2.72
C GLU B 113 18.19 -16.92 2.44
N PRO B 114 17.70 -16.69 1.21
CA PRO B 114 16.36 -17.08 0.77
C PRO B 114 16.02 -18.55 1.04
N GLN B 115 14.73 -18.81 1.22
CA GLN B 115 14.23 -20.15 1.48
C GLN B 115 12.71 -20.13 1.39
N ALA B 116 12.11 -21.31 1.37
CA ALA B 116 10.66 -21.44 1.28
C ALA B 116 9.98 -20.60 2.36
N GLY B 117 9.52 -19.41 1.98
CA GLY B 117 8.84 -18.54 2.93
C GLY B 117 9.61 -17.32 3.39
N ARG B 118 10.75 -17.02 2.77
CA ARG B 118 11.51 -15.85 3.19
C ARG B 118 12.49 -15.29 2.15
N TYR B 119 12.37 -13.99 1.91
CA TYR B 119 13.21 -13.29 0.98
C TYR B 119 13.90 -12.15 1.71
N ARG B 120 14.70 -11.37 0.99
CA ARG B 120 15.40 -10.26 1.60
C ARG B 120 14.50 -9.03 1.74
N GLU B 121 13.31 -9.12 1.16
CA GLU B 121 12.35 -8.03 1.22
C GLU B 121 10.94 -8.61 1.28
N HIS B 122 10.12 -8.08 2.18
CA HIS B 122 8.76 -8.57 2.27
C HIS B 122 7.85 -7.56 2.91
N TYR B 123 6.56 -7.76 2.74
CA TYR B 123 5.56 -6.89 3.33
C TYR B 123 5.23 -7.44 4.70
N GLN B 124 5.30 -6.60 5.71
CA GLN B 124 5.01 -7.03 7.07
C GLN B 124 3.94 -6.20 7.74
N PHE B 125 2.85 -6.84 8.13
CA PHE B 125 1.77 -6.14 8.79
C PHE B 125 2.13 -5.99 10.27
N ASN B 126 1.72 -4.87 10.86
CA ASN B 126 1.97 -4.60 12.27
C ASN B 126 0.73 -3.98 12.87
N ALA B 127 0.43 -4.38 14.10
CA ALA B 127 -0.70 -3.84 14.86
C ALA B 127 -0.21 -3.77 16.30
N ASP B 128 -0.39 -2.62 16.93
CA ASP B 128 0.07 -2.45 18.30
C ASP B 128 -0.85 -1.55 19.09
N ILE B 129 -0.93 -1.80 20.40
CA ILE B 129 -1.74 -0.96 21.27
C ILE B 129 -0.76 -0.30 22.23
N PHE B 130 -0.84 1.03 22.32
CA PHE B 130 0.06 1.76 23.21
C PHE B 130 -0.71 2.48 24.30
N GLY B 131 -0.23 2.38 25.53
CA GLY B 131 -0.90 3.08 26.62
C GLY B 131 -1.66 2.27 27.64
N SER B 132 -1.99 1.03 27.34
CA SER B 132 -2.72 0.18 28.28
C SER B 132 -1.94 -1.06 28.69
N ASP B 133 -1.78 -1.23 30.00
CA ASP B 133 -1.06 -2.38 30.55
C ASP B 133 -2.05 -3.47 30.97
N SER B 134 -3.28 -3.37 30.49
CA SER B 134 -4.34 -4.31 30.84
C SER B 134 -4.37 -5.65 30.11
N PRO B 135 -5.08 -6.64 30.68
CA PRO B 135 -5.21 -7.97 30.08
C PRO B 135 -6.08 -7.84 28.83
N GLU B 136 -6.97 -6.85 28.86
CA GLU B 136 -7.85 -6.60 27.72
C GLU B 136 -7.03 -6.23 26.49
N ALA B 137 -5.92 -5.54 26.70
CA ALA B 137 -5.05 -5.13 25.61
C ALA B 137 -4.31 -6.35 25.05
N ASP B 138 -3.82 -7.22 25.93
CA ASP B 138 -3.13 -8.43 25.48
C ASP B 138 -4.09 -9.28 24.64
N ALA B 139 -5.32 -9.41 25.12
CA ALA B 139 -6.32 -10.22 24.45
C ALA B 139 -6.77 -9.63 23.12
N GLU B 140 -6.97 -8.33 23.09
CA GLU B 140 -7.41 -7.69 21.87
C GLU B 140 -6.46 -7.91 20.71
N VAL B 141 -5.16 -7.69 20.91
CA VAL B 141 -4.24 -7.86 19.79
C VAL B 141 -4.21 -9.32 19.32
N ILE B 142 -4.29 -10.26 20.24
CA ILE B 142 -4.32 -11.67 19.85
C ILE B 142 -5.63 -11.97 19.11
N ALA B 143 -6.72 -11.34 19.53
CA ALA B 143 -8.01 -11.57 18.86
C ALA B 143 -7.96 -11.02 17.46
N LEU B 144 -7.23 -9.91 17.28
CA LEU B 144 -7.09 -9.29 15.96
C LEU B 144 -6.30 -10.21 15.03
N ALA B 145 -5.26 -10.81 15.57
CA ALA B 145 -4.43 -11.71 14.78
C ALA B 145 -5.25 -12.92 14.30
N SER B 146 -6.08 -13.48 15.17
CA SER B 146 -6.92 -14.64 14.81
C SER B 146 -7.93 -14.23 13.75
N SER B 147 -8.58 -13.09 13.98
CA SER B 147 -9.57 -12.58 13.06
C SER B 147 -8.98 -12.50 11.65
N ILE B 148 -7.76 -11.97 11.56
CA ILE B 148 -7.08 -11.84 10.28
C ILE B 148 -6.80 -13.20 9.66
N LEU B 149 -6.28 -14.11 10.48
CA LEU B 149 -5.98 -15.45 9.98
C LEU B 149 -7.27 -16.13 9.52
N ASP B 150 -8.37 -15.89 10.23
CA ASP B 150 -9.65 -16.49 9.84
C ASP B 150 -10.19 -15.89 8.56
N ARG B 151 -10.26 -14.56 8.49
CA ARG B 151 -10.78 -13.95 7.28
C ARG B 151 -9.91 -14.24 6.07
N LEU B 152 -8.68 -14.70 6.28
CA LEU B 152 -7.78 -15.03 5.18
C LEU B 152 -8.10 -16.43 4.63
N GLY B 153 -8.88 -17.20 5.38
CA GLY B 153 -9.24 -18.54 4.96
C GLY B 153 -8.35 -19.58 5.62
N LEU B 154 -7.66 -19.18 6.68
CA LEU B 154 -6.76 -20.08 7.39
C LEU B 154 -7.27 -20.46 8.78
N GLN B 155 -8.57 -20.32 9.03
CA GLN B 155 -9.15 -20.64 10.34
C GLN B 155 -8.85 -21.99 11.00
N ASP B 156 -8.59 -23.03 10.24
CA ASP B 156 -8.35 -24.32 10.89
C ASP B 156 -6.90 -24.79 10.97
N ILE B 157 -5.99 -24.03 10.38
CA ILE B 157 -4.60 -24.45 10.36
C ILE B 157 -3.69 -24.00 11.49
N TYR B 158 -4.16 -23.08 12.33
CA TYR B 158 -3.28 -22.58 13.39
C TYR B 158 -3.77 -22.76 14.82
N GLU B 159 -2.81 -22.67 15.73
CA GLU B 159 -3.07 -22.78 17.16
C GLU B 159 -2.39 -21.60 17.83
N ILE B 160 -3.13 -20.87 18.66
CA ILE B 160 -2.57 -19.74 19.39
C ILE B 160 -1.85 -20.23 20.63
N ARG B 161 -0.53 -20.03 20.67
CA ARG B 161 0.26 -20.45 21.82
C ARG B 161 0.80 -19.22 22.51
N ILE B 162 0.59 -19.14 23.83
CA ILE B 162 1.04 -18.01 24.60
C ILE B 162 1.95 -18.39 25.75
N ASN B 163 2.61 -17.40 26.32
CA ASN B 163 3.49 -17.57 27.46
C ASN B 163 3.77 -16.16 27.97
N SER B 164 4.63 -16.03 28.98
CA SER B 164 4.95 -14.73 29.52
C SER B 164 6.37 -14.67 30.04
N ARG B 165 7.03 -13.54 29.77
CA ARG B 165 8.40 -13.33 30.20
C ARG B 165 8.48 -13.28 31.72
N LYS B 166 7.38 -12.92 32.38
CA LYS B 166 7.35 -12.87 33.83
C LYS B 166 7.20 -14.28 34.39
N ILE B 167 6.28 -15.04 33.80
CA ILE B 167 6.07 -16.41 34.25
C ILE B 167 7.37 -17.20 34.08
N GLU B 169 10.41 -15.93 33.93
CA GLU B 169 11.58 -15.32 34.57
C GLU B 169 11.53 -15.59 36.06
N GLU B 170 10.40 -16.06 36.55
CA GLU B 170 10.26 -16.37 37.97
C GLU B 170 10.39 -17.87 38.19
N ILE B 171 9.89 -18.68 37.25
CA ILE B 171 9.98 -20.13 37.37
C ILE B 171 11.46 -20.50 37.43
N ILE B 172 12.23 -20.01 36.48
CA ILE B 172 13.67 -20.29 36.46
C ILE B 172 14.32 -19.37 37.49
N GLY B 173 13.64 -19.22 38.62
CA GLY B 173 14.10 -18.40 39.72
C GLY B 173 13.45 -18.88 40.99
N GLY B 174 12.38 -19.66 40.84
CA GLY B 174 11.66 -20.19 41.98
C GLY B 174 12.22 -21.56 42.32
N THR B 176 16.05 -22.28 40.78
CA THR B 176 17.46 -21.93 40.59
C THR B 176 17.66 -20.43 40.60
N SER B 177 18.28 -19.94 41.66
CA SER B 177 18.54 -18.50 41.79
C SER B 177 19.77 -18.09 41.01
N SER B 178 20.23 -18.96 40.12
CA SER B 178 21.40 -18.68 39.31
C SER B 178 21.20 -17.34 38.62
N ASP B 179 22.09 -16.40 38.90
CA ASP B 179 22.01 -15.05 38.34
C ASP B 179 21.78 -14.94 36.83
N PRO B 180 22.18 -15.97 36.06
CA PRO B 180 21.93 -15.86 34.61
C PRO B 180 20.42 -15.91 34.37
N PHE B 181 19.69 -15.24 35.25
CA PHE B 181 18.23 -15.16 35.24
C PHE B 181 17.53 -15.26 33.90
N SER B 182 18.22 -14.87 32.82
CA SER B 182 17.61 -14.93 31.50
C SER B 182 18.21 -16.01 30.59
N VAL B 183 17.91 -17.27 30.89
CA VAL B 183 18.38 -18.40 30.08
C VAL B 183 17.44 -18.46 28.89
N PHE B 184 16.67 -17.39 28.74
CA PHE B 184 15.68 -17.21 27.68
C PHE B 184 16.21 -17.53 26.29
N SER B 185 17.47 -17.20 26.05
CA SER B 185 18.08 -17.46 24.75
C SER B 185 18.08 -18.97 24.48
N ILE B 186 18.28 -19.75 25.53
CA ILE B 186 18.32 -21.21 25.44
C ILE B 186 16.96 -21.79 25.07
N ILE B 187 15.95 -21.41 25.83
CA ILE B 187 14.59 -21.89 25.63
C ILE B 187 14.02 -21.50 24.26
N ASP B 188 14.53 -20.40 23.73
CA ASP B 188 14.10 -19.92 22.42
C ASP B 188 14.46 -20.91 21.30
N ARG B 189 15.56 -21.62 21.48
CA ARG B 189 16.02 -22.60 20.49
C ARG B 189 15.51 -24.02 20.69
N TYR B 190 14.74 -24.24 21.75
CA TYR B 190 14.20 -25.57 22.07
C TYR B 190 13.69 -26.34 20.84
N HIS B 191 12.98 -25.63 19.96
CA HIS B 191 12.43 -26.25 18.75
C HIS B 191 13.40 -26.22 17.57
N LYS B 192 14.50 -25.49 17.71
CA LYS B 192 15.49 -25.38 16.63
C LYS B 192 16.59 -26.44 16.70
N ILE B 193 17.27 -26.50 17.84
CA ILE B 193 18.38 -27.43 18.03
C ILE B 193 17.92 -28.83 18.47
N SER B 194 18.88 -29.74 18.64
CA SER B 194 18.57 -31.10 19.08
C SER B 194 18.39 -31.10 20.58
N ARG B 195 17.63 -32.06 21.09
CA ARG B 195 17.36 -32.16 22.52
C ARG B 195 18.63 -32.29 23.37
N GLU B 196 19.61 -33.03 22.87
CA GLU B 196 20.87 -33.22 23.61
C GLU B 196 21.64 -31.92 23.83
N GLU B 197 21.75 -31.09 22.80
CA GLU B 197 22.46 -29.82 22.93
C GLU B 197 21.67 -28.88 23.84
N PHE B 198 20.35 -28.91 23.70
CA PHE B 198 19.46 -28.08 24.50
C PHE B 198 19.65 -28.37 25.98
N VAL B 199 19.75 -29.65 26.32
CA VAL B 199 19.93 -30.08 27.71
C VAL B 199 21.28 -29.67 28.29
N ASP B 200 22.32 -29.70 27.46
CA ASP B 200 23.65 -29.34 27.93
C ASP B 200 23.93 -27.84 27.84
N GLN B 201 23.18 -27.12 27.01
CA GLN B 201 23.35 -25.68 26.89
C GLN B 201 22.80 -25.05 28.16
N LEU B 202 21.68 -25.59 28.61
CA LEU B 202 20.99 -25.12 29.81
C LEU B 202 21.76 -25.63 31.03
N ARG B 203 22.34 -26.82 30.88
CA ARG B 203 23.12 -27.45 31.95
C ARG B 203 24.44 -26.71 32.18
N SER B 204 25.09 -26.31 31.08
CA SER B 204 26.35 -25.59 31.16
C SER B 204 26.09 -24.15 31.59
N ALA B 205 24.82 -23.82 31.81
CA ALA B 205 24.43 -22.48 32.23
C ALA B 205 24.42 -22.44 33.76
N GLY B 206 24.51 -23.62 34.38
CA GLY B 206 24.50 -23.70 35.83
C GLY B 206 23.15 -24.08 36.39
N ILE B 207 22.52 -25.09 35.79
CA ILE B 207 21.22 -25.55 36.24
C ILE B 207 21.27 -26.99 36.69
N GLY B 208 20.67 -27.27 37.84
CA GLY B 208 20.64 -28.62 38.38
C GLY B 208 19.81 -29.56 37.55
N GLU B 209 19.99 -30.86 37.77
CA GLU B 209 19.25 -31.89 37.04
C GLU B 209 17.74 -31.69 37.12
N ASP B 210 17.23 -31.54 38.34
CA ASP B 210 15.81 -31.35 38.56
C ASP B 210 15.33 -30.13 37.78
N GLY B 211 16.18 -29.10 37.70
CA GLY B 211 15.84 -27.90 36.97
C GLY B 211 15.78 -28.15 35.48
N VAL B 212 16.86 -28.70 34.94
CA VAL B 212 16.94 -29.01 33.52
C VAL B 212 15.79 -29.95 33.17
N SER B 213 15.47 -30.84 34.11
CA SER B 213 14.40 -31.80 33.94
C SER B 213 13.05 -31.12 33.76
N ILE B 215 12.45 -27.91 33.21
CA ILE B 215 12.49 -26.99 32.09
C ILE B 215 12.25 -27.74 30.79
N ALA B 216 12.83 -28.94 30.69
CA ALA B 216 12.65 -29.76 29.50
C ALA B 216 11.20 -30.25 29.41
N ASP B 217 10.66 -30.69 30.55
CA ASP B 217 9.28 -31.18 30.58
C ASP B 217 8.31 -30.07 30.23
N LEU B 218 8.59 -28.88 30.71
CA LEU B 218 7.73 -27.72 30.45
C LEU B 218 7.77 -27.33 28.98
N CYS B 219 8.94 -27.47 28.36
CA CYS B 219 9.10 -27.12 26.95
C CYS B 219 8.43 -28.14 26.04
N SER B 220 8.43 -29.39 26.46
CA SER B 220 7.84 -30.47 25.68
C SER B 220 6.33 -30.28 25.45
N GLY B 221 5.97 -30.07 24.19
CA GLY B 221 4.56 -29.88 23.83
C GLY B 221 3.86 -28.71 24.48
N THR B 222 2.55 -28.59 24.22
CA THR B 222 1.75 -27.52 24.79
C THR B 222 0.97 -28.08 25.98
N ARG B 223 0.76 -27.24 26.99
CA ARG B 223 0.03 -27.66 28.19
C ARG B 223 -1.12 -26.72 28.52
N GLY B 224 -1.85 -27.06 29.58
CA GLY B 224 -2.97 -26.24 30.00
C GLY B 224 -2.43 -25.15 30.91
N ILE B 225 -3.14 -24.02 30.97
CA ILE B 225 -2.71 -22.92 31.83
C ILE B 225 -3.06 -23.23 33.28
N ASP B 226 -4.25 -23.82 33.46
CA ASP B 226 -4.75 -24.20 34.79
C ASP B 226 -3.79 -25.12 35.54
N GLU B 227 -3.10 -25.99 34.79
CA GLU B 227 -2.17 -26.93 35.40
C GLU B 227 -0.85 -26.28 35.75
N ALA B 229 -0.17 -23.61 37.62
CA ALA B 229 -0.05 -23.32 39.04
C ALA B 229 0.44 -24.57 39.74
N ARG B 230 -0.14 -25.71 39.36
CA ARG B 230 0.22 -26.99 39.93
C ARG B 230 1.67 -27.36 39.69
N ILE B 231 1.99 -27.74 38.45
CA ILE B 231 3.35 -28.14 38.08
C ILE B 231 4.47 -27.18 38.49
N THR B 232 4.11 -25.99 38.96
CA THR B 232 5.09 -25.00 39.39
C THR B 232 4.45 -23.65 39.67
N GLY B 233 4.96 -22.94 40.67
CA GLY B 233 4.43 -21.64 41.02
C GLY B 233 2.98 -21.70 41.45
N LYS B 234 2.74 -21.74 42.77
CA LYS B 234 1.38 -21.84 43.30
C LYS B 234 0.58 -20.55 43.17
N SER B 235 -0.06 -20.36 42.02
CA SER B 235 -0.89 -19.19 41.76
C SER B 235 -0.20 -17.83 41.93
N SER B 236 0.70 -17.50 41.01
CA SER B 236 1.36 -16.20 41.06
C SER B 236 0.36 -15.23 40.44
N GLU B 237 0.78 -14.00 40.19
CA GLU B 237 -0.15 -13.03 39.60
C GLU B 237 -0.18 -13.11 38.08
N GLU B 238 0.98 -13.31 37.47
CA GLU B 238 1.08 -13.40 36.01
C GLU B 238 0.31 -14.60 35.48
N ILE B 239 0.25 -15.67 36.26
CA ILE B 239 -0.49 -16.86 35.82
C ILE B 239 -1.97 -16.53 35.80
N ALA B 240 -2.41 -15.75 36.79
CA ALA B 240 -3.82 -15.35 36.86
C ALA B 240 -4.12 -14.42 35.69
N ARG B 241 -3.12 -13.65 35.26
CA ARG B 241 -3.32 -12.74 34.14
C ARG B 241 -3.50 -13.54 32.85
N ALA B 243 -4.66 -16.46 32.64
CA ALA B 243 -5.99 -17.06 32.76
C ALA B 243 -7.03 -16.04 32.31
N ALA B 244 -6.89 -14.82 32.81
CA ALA B 244 -7.80 -13.74 32.44
C ALA B 244 -7.75 -13.54 30.92
N VAL B 245 -6.55 -13.53 30.36
CA VAL B 245 -6.43 -13.35 28.92
C VAL B 245 -7.13 -14.49 28.17
N GLU B 246 -7.00 -15.71 28.66
CA GLU B 246 -7.68 -16.83 28.02
C GLU B 246 -9.18 -16.60 28.04
N ASP B 247 -9.71 -16.23 29.20
CA ASP B 247 -11.14 -15.99 29.30
C ASP B 247 -11.58 -14.87 28.38
N LEU B 248 -10.80 -13.80 28.32
CA LEU B 248 -11.14 -12.68 27.45
C LEU B 248 -11.13 -13.16 26.00
N LEU B 249 -10.18 -14.02 25.65
CA LEU B 249 -10.10 -14.55 24.27
C LEU B 249 -11.37 -15.31 23.89
N ALA B 250 -11.88 -16.11 24.81
CA ALA B 250 -13.10 -16.87 24.53
C ALA B 250 -14.27 -15.94 24.19
N SER B 251 -14.35 -14.79 24.84
CA SER B 251 -15.43 -13.84 24.58
C SER B 251 -15.39 -13.25 23.17
N TYR B 252 -14.22 -13.26 22.53
CA TYR B 252 -14.10 -12.76 21.17
C TYR B 252 -14.38 -13.92 20.21
N GLY B 253 -14.50 -15.12 20.80
CA GLY B 253 -14.74 -16.30 20.00
C GLY B 253 -13.44 -17.03 19.69
N VAL B 254 -12.36 -16.66 20.38
CA VAL B 254 -11.06 -17.29 20.17
C VAL B 254 -10.86 -18.37 21.21
N LYS B 255 -10.83 -19.63 20.78
CA LYS B 255 -10.66 -20.71 21.72
C LYS B 255 -9.53 -21.67 21.41
N ASN B 256 -9.26 -22.57 22.35
CA ASN B 256 -8.22 -23.58 22.21
C ASN B 256 -6.83 -22.98 22.35
N VAL B 257 -6.75 -21.71 22.74
CA VAL B 257 -5.45 -21.09 22.91
C VAL B 257 -4.76 -21.99 23.92
N ARG B 258 -3.46 -22.16 23.81
CA ARG B 258 -2.75 -23.03 24.74
C ARG B 258 -1.51 -22.39 25.30
N TYR B 259 -1.15 -22.80 26.52
CA TYR B 259 0.03 -22.29 27.18
C TYR B 259 1.20 -23.12 26.69
N ASP B 260 2.31 -22.46 26.43
CA ASP B 260 3.50 -23.14 25.94
C ASP B 260 4.71 -22.42 26.49
N PHE B 261 5.36 -23.04 27.47
CA PHE B 261 6.52 -22.44 28.10
C PHE B 261 7.68 -22.24 27.13
N SER B 262 7.64 -22.92 25.99
CA SER B 262 8.71 -22.79 25.01
C SER B 262 8.52 -21.61 24.07
N ILE B 263 7.40 -20.90 24.19
CA ILE B 263 7.16 -19.72 23.37
C ILE B 263 7.92 -18.57 24.01
N VAL B 264 8.95 -18.08 23.32
CA VAL B 264 9.76 -17.00 23.87
C VAL B 264 9.83 -15.75 22.99
N ARG B 265 10.01 -15.97 21.68
CA ARG B 265 10.14 -14.89 20.69
C ARG B 265 11.61 -14.44 20.64
N GLY B 266 12.12 -14.20 19.43
CA GLY B 266 13.50 -13.79 19.26
C GLY B 266 13.83 -12.40 19.78
N LEU B 267 13.04 -11.40 19.39
CA LEU B 267 13.26 -10.03 19.83
C LEU B 267 13.37 -10.02 21.35
N SER B 268 14.32 -9.28 21.89
CA SER B 268 14.51 -9.24 23.34
C SER B 268 13.80 -8.13 24.10
N TYR B 269 13.03 -7.30 23.42
CA TYR B 269 12.35 -6.22 24.13
C TYR B 269 11.00 -6.62 24.75
N TYR B 270 10.67 -7.91 24.69
CA TYR B 270 9.42 -8.40 25.28
C TYR B 270 9.55 -8.52 26.80
N THR B 271 8.54 -8.01 27.51
CA THR B 271 8.55 -8.03 28.96
C THR B 271 7.35 -8.71 29.59
N GLY B 272 6.34 -9.01 28.78
CA GLY B 272 5.16 -9.66 29.31
C GLY B 272 4.74 -10.85 28.48
N ILE B 273 3.48 -10.85 28.07
CA ILE B 273 2.94 -11.93 27.27
C ILE B 273 3.59 -11.97 25.91
N VAL B 274 3.77 -13.18 25.38
CA VAL B 274 4.35 -13.41 24.06
C VAL B 274 3.46 -14.49 23.41
N PHE B 275 3.21 -14.37 22.11
CA PHE B 275 2.38 -15.36 21.46
C PHE B 275 2.75 -15.60 20.02
N GLU B 276 2.31 -16.73 19.49
CA GLU B 276 2.58 -17.10 18.10
C GLU B 276 1.41 -17.92 17.61
N ALA B 277 1.15 -17.85 16.31
CA ALA B 277 0.08 -18.62 15.71
C ALA B 277 0.83 -19.79 15.08
N TYR B 278 0.83 -20.93 15.78
CA TYR B 278 1.54 -22.12 15.30
C TYR B 278 0.80 -22.85 14.16
N ASP B 279 1.56 -23.31 13.17
CA ASP B 279 0.97 -24.02 12.03
C ASP B 279 0.80 -25.49 12.42
N ARG B 280 -0.46 -25.90 12.58
CA ARG B 280 -0.77 -27.28 12.97
C ARG B 280 -0.24 -28.34 12.01
N SER B 281 0.08 -27.95 10.78
CA SER B 281 0.62 -28.90 9.82
C SER B 281 2.11 -29.10 10.08
N GLY B 282 2.71 -28.19 10.86
CA GLY B 282 4.12 -28.32 11.19
C GLY B 282 5.12 -27.67 10.24
N GLN B 283 4.64 -26.96 9.23
CA GLN B 283 5.53 -26.32 8.28
C GLN B 283 6.18 -25.03 8.82
N PHE B 284 5.39 -24.19 9.50
CA PHE B 284 5.91 -22.95 10.07
C PHE B 284 5.56 -22.88 11.55
N ARG B 285 6.57 -22.71 12.40
CA ARG B 285 6.29 -22.64 13.83
C ARG B 285 5.56 -21.36 14.20
N ALA B 286 5.85 -20.28 13.49
CA ALA B 286 5.21 -19.00 13.77
C ALA B 286 4.73 -18.29 12.51
N ILE B 287 3.46 -18.46 12.20
CA ILE B 287 2.86 -17.82 11.03
C ILE B 287 2.86 -16.31 11.32
N LEU B 288 2.67 -15.96 12.59
CA LEU B 288 2.70 -14.58 13.04
C LEU B 288 3.02 -14.65 14.52
N GLY B 289 3.38 -13.52 15.10
CA GLY B 289 3.72 -13.52 16.52
C GLY B 289 4.01 -12.13 17.04
N GLY B 290 4.02 -12.00 18.36
CA GLY B 290 4.30 -10.72 18.97
C GLY B 290 4.25 -10.83 20.47
N GLY B 291 3.92 -9.73 21.14
CA GLY B 291 3.86 -9.73 22.59
C GLY B 291 3.93 -8.34 23.15
N ARG B 292 4.04 -8.24 24.47
CA ARG B 292 4.11 -6.95 25.16
C ARG B 292 5.56 -6.56 25.42
N TYR B 293 5.89 -5.30 25.14
CA TYR B 293 7.24 -4.77 25.33
C TYR B 293 7.17 -3.40 26.00
N ASP B 294 6.91 -3.42 27.30
CA ASP B 294 6.74 -2.20 28.07
C ASP B 294 7.98 -1.35 28.37
N ASN B 295 9.14 -1.73 27.86
CA ASN B 295 10.35 -0.97 28.14
C ASN B 295 10.98 -0.27 26.93
N LEU B 296 10.60 -0.67 25.72
CA LEU B 296 11.20 -0.06 24.52
C LEU B 296 11.05 1.46 24.45
N ALA B 297 9.86 1.97 24.76
CA ALA B 297 9.63 3.41 24.69
C ALA B 297 10.60 4.17 25.60
N SER B 298 10.74 3.70 26.84
CA SER B 298 11.65 4.33 27.80
C SER B 298 13.09 4.31 27.29
N LEU B 299 13.56 3.14 26.89
CA LEU B 299 14.93 3.01 26.40
C LEU B 299 15.24 3.96 25.25
N SER B 301 13.36 6.93 24.36
CA SER B 301 13.07 8.34 24.58
C SER B 301 12.95 8.82 26.02
N GLY B 302 12.90 7.90 26.97
CA GLY B 302 12.76 8.32 28.35
C GLY B 302 11.31 8.35 28.78
N GLU B 303 10.40 8.23 27.82
CA GLU B 303 8.97 8.21 28.18
C GLU B 303 8.57 6.75 28.29
N SER B 304 7.86 6.42 29.37
CA SER B 304 7.41 5.06 29.60
C SER B 304 6.05 4.85 28.96
N VAL B 305 5.96 3.88 28.05
CA VAL B 305 4.68 3.63 27.37
C VAL B 305 4.45 2.13 27.22
N PRO B 306 3.42 1.60 27.89
CA PRO B 306 3.14 0.17 27.77
C PRO B 306 2.81 -0.16 26.32
N ALA B 307 3.23 -1.32 25.86
CA ALA B 307 2.99 -1.70 24.47
C ALA B 307 2.82 -3.19 24.26
N VAL B 308 1.89 -3.55 23.39
CA VAL B 308 1.65 -4.94 23.07
C VAL B 308 1.16 -5.01 21.62
N GLY B 309 1.74 -5.91 20.85
CA GLY B 309 1.35 -6.02 19.45
C GLY B 309 1.95 -7.23 18.78
N PHE B 310 1.86 -7.29 17.46
CA PHE B 310 2.40 -8.43 16.73
C PHE B 310 2.71 -8.12 15.27
N GLY B 311 3.43 -9.04 14.63
CA GLY B 311 3.75 -8.87 13.22
C GLY B 311 3.35 -10.10 12.40
N GLY B 313 4.23 -11.50 8.32
CA GLY B 313 4.86 -11.31 7.03
C GLY B 313 4.02 -11.87 5.90
N ASP B 314 4.14 -11.29 4.72
CA ASP B 314 3.34 -11.73 3.56
C ASP B 314 3.77 -13.06 2.93
N ALA B 315 5.08 -13.29 2.88
CA ALA B 315 5.62 -14.49 2.25
C ALA B 315 5.04 -15.80 2.80
N VAL B 316 5.07 -15.95 4.12
CA VAL B 316 4.52 -17.16 4.74
C VAL B 316 3.02 -17.26 4.54
N ILE B 317 2.32 -16.14 4.59
CA ILE B 317 0.88 -16.13 4.39
C ILE B 317 0.56 -16.55 2.95
N SER B 318 1.35 -16.06 2.00
CA SER B 318 1.15 -16.43 0.59
C SER B 318 1.23 -17.93 0.44
N LEU B 319 2.26 -18.54 1.05
CA LEU B 319 2.45 -19.98 0.98
C LEU B 319 1.27 -20.74 1.54
N LEU B 320 0.76 -20.28 2.67
CA LEU B 320 -0.39 -20.93 3.30
C LEU B 320 -1.64 -20.81 2.45
N LEU B 321 -1.87 -19.62 1.90
CA LEU B 321 -3.03 -19.37 1.07
C LEU B 321 -3.07 -20.36 -0.08
N LYS B 322 -1.90 -20.65 -0.66
CA LYS B 322 -1.80 -21.59 -1.76
C LYS B 322 -1.94 -23.02 -1.26
N ARG B 323 -1.18 -23.34 -0.21
CA ARG B 323 -1.21 -24.67 0.38
C ARG B 323 -2.63 -25.08 0.76
N GLU B 324 -3.39 -24.18 1.37
CA GLU B 324 -4.75 -24.48 1.80
C GLU B 324 -5.78 -24.17 0.70
N ASN B 325 -5.28 -23.91 -0.51
CA ASN B 325 -6.12 -23.61 -1.66
C ASN B 325 -7.27 -22.64 -1.39
N VAL B 326 -6.93 -21.47 -0.82
CA VAL B 326 -7.94 -20.47 -0.52
C VAL B 326 -8.43 -19.78 -1.79
N GLN B 327 -9.70 -19.44 -1.83
CA GLN B 327 -10.27 -18.78 -2.98
C GLN B 327 -10.29 -17.27 -2.78
N ILE B 328 -9.46 -16.57 -3.54
CA ILE B 328 -9.37 -15.13 -3.45
C ILE B 328 -10.57 -14.53 -4.14
N PRO B 329 -11.47 -13.89 -3.38
CA PRO B 329 -12.66 -13.28 -3.97
C PRO B 329 -12.31 -12.10 -4.87
N ARG B 330 -13.16 -11.83 -5.86
CA ARG B 330 -12.93 -10.71 -6.77
C ARG B 330 -13.99 -9.65 -6.52
N GLU B 331 -13.55 -8.44 -6.21
CA GLU B 331 -14.43 -7.30 -5.93
C GLU B 331 -15.44 -6.93 -7.01
N LYS B 332 -14.94 -6.40 -8.12
CA LYS B 332 -15.80 -5.97 -9.22
C LYS B 332 -15.79 -6.95 -10.40
N LYS B 333 -16.86 -6.92 -11.18
CA LYS B 333 -16.92 -7.80 -12.36
C LYS B 333 -16.21 -7.04 -13.47
N SER B 334 -15.44 -7.75 -14.28
CA SER B 334 -14.74 -7.09 -15.37
C SER B 334 -15.39 -7.37 -16.72
N VAL B 335 -15.41 -6.34 -17.56
CA VAL B 335 -16.00 -6.43 -18.88
C VAL B 335 -14.96 -6.13 -19.94
N TYR B 336 -14.92 -6.95 -20.98
CA TYR B 336 -13.99 -6.75 -22.07
C TYR B 336 -14.83 -6.32 -23.26
N ILE B 337 -14.52 -5.17 -23.85
CA ILE B 337 -15.27 -4.71 -24.99
C ILE B 337 -14.54 -5.01 -26.29
N CYS B 338 -15.18 -5.82 -27.12
CA CYS B 338 -14.61 -6.24 -28.40
C CYS B 338 -15.17 -5.45 -29.57
N ARG B 339 -14.65 -5.76 -30.75
CA ARG B 339 -15.08 -5.09 -31.96
C ARG B 339 -14.89 -6.04 -33.13
N VAL B 340 -15.91 -6.10 -33.98
CA VAL B 340 -15.86 -6.94 -35.17
C VAL B 340 -16.36 -6.05 -36.30
N GLY B 341 -15.60 -5.97 -37.38
CA GLY B 341 -15.99 -5.13 -38.50
C GLY B 341 -15.59 -3.70 -38.22
N LYS B 342 -16.07 -2.78 -39.05
CA LYS B 342 -15.75 -1.36 -38.89
C LYS B 342 -16.52 -0.73 -37.74
N ILE B 343 -15.79 -0.34 -36.70
CA ILE B 343 -16.40 0.28 -35.53
C ILE B 343 -15.48 1.31 -34.89
N ASN B 344 -16.01 2.50 -34.67
CA ASN B 344 -15.25 3.59 -34.08
C ASN B 344 -14.89 3.31 -32.62
N SER B 345 -13.63 3.54 -32.28
CA SER B 345 -13.17 3.32 -30.92
C SER B 345 -13.95 4.21 -29.95
N SER B 346 -14.32 5.39 -30.44
CA SER B 346 -15.07 6.38 -29.67
C SER B 346 -16.34 5.83 -29.00
N ILE B 347 -17.17 5.13 -29.77
CA ILE B 347 -18.41 4.58 -29.23
C ILE B 347 -18.09 3.54 -28.15
N ASN B 349 -15.45 3.66 -26.26
CA ASN B 349 -15.00 4.45 -25.12
C ASN B 349 -16.22 4.99 -24.36
N GLU B 350 -17.21 5.47 -25.09
CA GLU B 350 -18.41 6.01 -24.47
C GLU B 350 -19.08 4.99 -23.55
N TYR B 351 -19.25 3.77 -24.04
CA TYR B 351 -19.88 2.76 -23.22
C TYR B 351 -19.01 2.21 -22.12
N SER B 352 -17.70 2.20 -22.33
CA SER B 352 -16.82 1.71 -21.27
C SER B 352 -16.97 2.68 -20.11
N ARG B 353 -17.06 3.96 -20.44
CA ARG B 353 -17.22 5.01 -19.43
C ARG B 353 -18.50 4.80 -18.62
N LYS B 354 -19.59 4.50 -19.31
CA LYS B 354 -20.88 4.27 -18.66
C LYS B 354 -20.86 3.05 -17.74
N LEU B 355 -20.17 2.00 -18.16
CA LEU B 355 -20.09 0.79 -17.35
C LEU B 355 -19.25 1.06 -16.10
N ARG B 356 -18.13 1.75 -16.28
CA ARG B 356 -17.24 2.07 -15.17
C ARG B 356 -17.97 2.88 -14.12
N GLU B 357 -18.67 3.93 -14.55
CA GLU B 357 -19.39 4.78 -13.61
C GLU B 357 -20.46 4.02 -12.84
N ARG B 358 -20.63 2.74 -13.13
CA ARG B 358 -21.60 1.91 -12.43
C ARG B 358 -20.89 0.78 -11.67
N GLY B 359 -19.61 0.98 -11.35
CA GLY B 359 -18.86 -0.02 -10.58
C GLY B 359 -18.31 -1.26 -11.26
N ASN B 361 -15.11 -2.92 -13.87
CA ASN B 361 -13.80 -2.75 -14.46
C ASN B 361 -13.95 -3.11 -15.95
N VAL B 362 -13.61 -2.14 -16.80
CA VAL B 362 -13.75 -2.30 -18.24
C VAL B 362 -12.45 -2.11 -19.01
N THR B 363 -12.14 -3.09 -19.86
CA THR B 363 -10.96 -3.10 -20.70
C THR B 363 -11.39 -3.03 -22.17
N VAL B 364 -10.88 -2.03 -22.89
CA VAL B 364 -11.22 -1.84 -24.30
C VAL B 364 -10.13 -2.38 -25.24
N GLU B 365 -10.57 -2.99 -26.33
CA GLU B 365 -9.63 -3.52 -27.32
C GLU B 365 -9.00 -2.36 -28.07
N ILE B 366 -7.68 -2.36 -28.19
CA ILE B 366 -7.01 -1.30 -28.91
C ILE B 366 -6.03 -1.88 -29.93
N GLU B 368 -5.07 -4.27 -33.30
CA GLU B 368 -5.64 -4.61 -34.59
C GLU B 368 -5.64 -6.14 -34.73
N ARG B 369 -6.56 -6.79 -34.02
CA ARG B 369 -6.68 -8.24 -34.01
C ARG B 369 -8.10 -8.70 -34.33
N GLY B 370 -8.24 -9.96 -34.73
CA GLY B 370 -9.55 -10.50 -35.07
C GLY B 370 -10.37 -10.86 -33.85
N LEU B 371 -11.64 -11.18 -34.05
CA LEU B 371 -12.56 -11.52 -32.96
C LEU B 371 -12.14 -12.75 -32.19
N SER B 372 -11.59 -13.73 -32.89
CA SER B 372 -11.15 -14.95 -32.23
C SER B 372 -10.01 -14.64 -31.25
N ALA B 373 -9.06 -13.80 -31.68
CA ALA B 373 -7.94 -13.41 -30.84
C ALA B 373 -8.42 -12.52 -29.70
N GLN B 374 -9.44 -11.72 -29.97
CA GLN B 374 -9.99 -10.83 -28.96
C GLN B 374 -10.60 -11.60 -27.79
N LEU B 375 -11.38 -12.64 -28.07
CA LEU B 375 -11.99 -13.42 -27.01
C LEU B 375 -10.94 -14.22 -26.27
N LYS B 376 -9.92 -14.66 -27.01
CA LYS B 376 -8.82 -15.42 -26.43
C LYS B 376 -8.19 -14.52 -25.38
N TYR B 377 -7.88 -13.28 -25.78
CA TYR B 377 -7.27 -12.31 -24.89
C TYR B 377 -8.18 -12.01 -23.70
N ALA B 378 -9.48 -11.88 -23.97
CA ALA B 378 -10.46 -11.59 -22.92
C ALA B 378 -10.45 -12.70 -21.87
N SER B 379 -10.40 -13.94 -22.33
CA SER B 379 -10.39 -15.06 -21.40
C SER B 379 -9.06 -15.12 -20.67
N ALA B 380 -7.98 -14.73 -21.36
CA ALA B 380 -6.66 -14.75 -20.76
C ALA B 380 -6.52 -13.75 -19.60
N ILE B 381 -7.28 -12.66 -19.66
CA ILE B 381 -7.22 -11.65 -18.61
C ILE B 381 -8.34 -11.84 -17.59
N GLY B 382 -9.10 -12.93 -17.76
CA GLY B 382 -10.19 -13.22 -16.84
C GLY B 382 -11.44 -12.35 -16.87
N ALA B 383 -11.72 -11.68 -17.98
CA ALA B 383 -12.93 -10.84 -18.05
C ALA B 383 -14.14 -11.69 -17.73
N ASP B 384 -15.13 -11.12 -17.05
CA ASP B 384 -16.32 -11.87 -16.71
C ASP B 384 -17.29 -11.86 -17.88
N PHE B 385 -17.32 -10.75 -18.60
CA PHE B 385 -18.20 -10.59 -19.75
C PHE B 385 -17.44 -9.98 -20.91
N ALA B 386 -17.98 -10.19 -22.10
CA ALA B 386 -17.43 -9.65 -23.33
C ALA B 386 -18.58 -8.97 -24.06
N VAL B 387 -18.47 -7.67 -24.26
CA VAL B 387 -19.48 -6.93 -24.99
C VAL B 387 -18.88 -6.78 -26.37
N ILE B 388 -19.57 -7.33 -27.37
CA ILE B 388 -19.05 -7.29 -28.72
C ILE B 388 -19.82 -6.35 -29.61
N PHE B 389 -19.14 -5.28 -30.05
CA PHE B 389 -19.75 -4.32 -30.94
C PHE B 389 -19.55 -4.83 -32.36
N GLY B 390 -20.65 -4.96 -33.09
CA GLY B 390 -20.56 -5.41 -34.46
C GLY B 390 -21.10 -4.32 -35.36
N GLU B 391 -20.37 -4.00 -36.41
CA GLU B 391 -20.77 -2.96 -37.35
C GLU B 391 -22.23 -3.05 -37.79
N ARG B 392 -22.68 -4.24 -38.19
CA ARG B 392 -24.07 -4.42 -38.63
C ARG B 392 -25.09 -4.38 -37.50
N ASP B 393 -24.84 -5.13 -36.44
CA ASP B 393 -25.75 -5.16 -35.30
C ASP B 393 -25.85 -3.78 -34.65
N LEU B 394 -24.83 -2.97 -34.82
CA LEU B 394 -24.84 -1.64 -34.24
C LEU B 394 -25.87 -0.79 -34.98
N GLU B 395 -26.02 -1.06 -36.28
CA GLU B 395 -26.99 -0.33 -37.10
C GLU B 395 -28.36 -0.48 -36.45
N ARG B 396 -28.66 -1.70 -36.00
CA ARG B 396 -29.93 -2.02 -35.36
C ARG B 396 -29.90 -1.77 -33.84
N GLY B 397 -28.95 -0.98 -33.38
CA GLY B 397 -28.86 -0.68 -31.97
C GLY B 397 -28.76 -1.90 -31.08
N VAL B 398 -28.03 -2.91 -31.54
CA VAL B 398 -27.85 -4.14 -30.79
C VAL B 398 -26.35 -4.42 -30.60
N VAL B 399 -26.03 -5.13 -29.53
CA VAL B 399 -24.66 -5.48 -29.22
C VAL B 399 -24.71 -6.89 -28.64
N THR B 400 -23.64 -7.67 -28.79
CA THR B 400 -23.64 -9.03 -28.26
C THR B 400 -22.86 -9.12 -26.95
N ILE B 401 -23.51 -9.68 -25.93
CA ILE B 401 -22.90 -9.82 -24.63
C ILE B 401 -22.69 -11.30 -24.33
N ARG B 402 -21.43 -11.69 -24.21
CA ARG B 402 -21.10 -13.07 -23.90
C ARG B 402 -20.66 -13.22 -22.45
N ASN B 403 -21.12 -14.30 -21.82
CA ASN B 403 -20.76 -14.62 -20.44
C ASN B 403 -19.52 -15.51 -20.54
N TYR B 405 -17.84 -17.02 -18.69
CA TYR B 405 -17.87 -18.21 -17.86
C TYR B 405 -18.78 -19.30 -18.44
N THR B 406 -20.09 -19.06 -18.41
CA THR B 406 -21.05 -20.03 -18.90
C THR B 406 -20.91 -20.33 -20.40
N GLY B 407 -20.50 -19.33 -21.17
CA GLY B 407 -20.36 -19.52 -22.61
C GLY B 407 -21.62 -19.03 -23.30
N SER B 408 -22.56 -18.53 -22.50
CA SER B 408 -23.83 -18.02 -22.98
C SER B 408 -23.72 -16.66 -23.67
N GLN B 409 -24.52 -16.46 -24.71
CA GLN B 409 -24.52 -15.20 -25.45
C GLN B 409 -25.93 -14.73 -25.75
N GLU B 410 -26.10 -13.42 -25.87
CA GLU B 410 -27.40 -12.82 -26.15
C GLU B 410 -27.20 -11.45 -26.80
N ASN B 411 -28.17 -11.03 -27.61
CA ASN B 411 -28.11 -9.71 -28.22
C ASN B 411 -28.75 -8.80 -27.18
N VAL B 412 -28.30 -7.56 -27.09
CA VAL B 412 -28.85 -6.65 -26.10
C VAL B 412 -28.94 -5.23 -26.64
N GLY B 413 -30.05 -4.55 -26.35
CA GLY B 413 -30.23 -3.19 -26.81
C GLY B 413 -29.18 -2.27 -26.19
N LEU B 414 -28.70 -1.30 -26.94
CA LEU B 414 -27.68 -0.39 -26.42
C LEU B 414 -28.07 0.21 -25.08
N ASP B 415 -29.32 0.61 -24.94
CA ASP B 415 -29.78 1.23 -23.71
C ASP B 415 -30.15 0.23 -22.60
N SER B 416 -29.83 -1.05 -22.81
CA SER B 416 -30.09 -2.07 -21.81
C SER B 416 -28.79 -2.77 -21.44
N VAL B 417 -27.70 -2.33 -22.07
CA VAL B 417 -26.37 -2.91 -21.84
C VAL B 417 -25.94 -2.75 -20.38
N VAL B 418 -25.99 -1.51 -19.89
CA VAL B 418 -25.59 -1.22 -18.51
C VAL B 418 -26.35 -2.06 -17.48
N GLU B 419 -27.68 -2.05 -17.56
CA GLU B 419 -28.49 -2.81 -16.61
C GLU B 419 -28.40 -4.32 -16.77
N HIS B 420 -28.25 -4.80 -18.00
CA HIS B 420 -28.15 -6.23 -18.24
C HIS B 420 -26.90 -6.80 -17.58
N LEU B 421 -25.78 -6.08 -17.69
CA LEU B 421 -24.54 -6.53 -17.08
C LEU B 421 -24.65 -6.51 -15.56
N ILE B 422 -25.15 -5.39 -15.02
CA ILE B 422 -25.32 -5.24 -13.58
C ILE B 422 -26.11 -6.40 -12.98
N SER B 423 -26.95 -7.03 -13.81
CA SER B 423 -27.74 -8.15 -13.34
C SER B 423 -27.10 -9.47 -13.78
N GLN B 424 -25.94 -9.37 -14.41
CA GLN B 424 -25.21 -10.54 -14.91
C GLN B 424 -26.08 -11.33 -15.87
#